data_2D52
#
_entry.id   2D52
#
_cell.length_a   74.07
_cell.length_b   89.17
_cell.length_c   70.77
_cell.angle_alpha   90
_cell.angle_beta   95.72
_cell.angle_gamma   90
#
_symmetry.space_group_name_H-M   'P 1 21 1'
#
loop_
_entity.id
_entity.type
_entity.pdbx_description
1 polymer 'pentaketide chromone synthase'
2 non-polymer 'COENZYME A'
3 water water
#
_entity_poly.entity_id   1
_entity_poly.type   'polypeptide(L)'
_entity_poly.pdbx_seq_one_letter_code
;GPGMSSLSNSLPLMEDVQGIRKAQKADGTATVMAIGTAHPPHIFPQDTYADVYFRATNSEHKVELKKKFDHICKKTMIGK
RYFNYDEEFLKKYPNITSYDEPSLNDRQDICVPGVPALGTEAAVKAIEEWGRPKSEITHLVFCTSCGVDMPSADFQCAKL
LGLHANVNKYCIYMQG(CSD)YAGGTVMRYAKDLAENNRGARVLVVCAELTIMGLRAPNETHLDNAIGISLFGDGAAALI
IGSDPIIGVEKPMFEIVCTKQTVIPNTEDVIHLHLRETGMMFYLSKGSPMTISNNVEACLIDVFKSVGITPPEDWNSLFW
IPHPGGRAILDQVEAKLKLRPEKFRAARTVLWDYGNMVSASVGYILDEMRRKSAAKGLETYGEGLEWGVLLGFGPGITVE
TILLHSLPLM
;
_entity_poly.pdbx_strand_id   A,B
#
# COMPACT_ATOMS: atom_id res chain seq x y z
N GLY A 1 2.84 -26.53 14.11
CA GLY A 1 3.54 -25.96 12.91
C GLY A 1 2.67 -25.94 11.67
N PRO A 2 3.12 -25.29 10.56
CA PRO A 2 2.36 -25.20 9.31
C PRO A 2 2.10 -26.54 8.63
N GLY A 3 3.05 -27.47 8.80
CA GLY A 3 2.95 -28.79 8.22
C GLY A 3 3.02 -28.74 6.69
N MET A 4 3.95 -27.92 6.18
CA MET A 4 4.16 -27.74 4.74
C MET A 4 4.47 -29.00 3.97
N SER A 5 5.20 -29.91 4.60
CA SER A 5 5.59 -31.19 4.00
C SER A 5 4.73 -32.40 4.37
N SER A 6 3.69 -32.18 5.18
N SER A 6 3.67 -32.16 5.16
CA SER A 6 2.79 -33.25 5.60
CA SER A 6 2.76 -33.23 5.60
C SER A 6 1.81 -33.67 4.49
C SER A 6 1.80 -33.67 4.49
N LEU A 7 1.39 -34.93 4.54
CA LEU A 7 0.46 -35.51 3.55
C LEU A 7 -0.95 -34.89 3.52
N SER A 8 -1.46 -34.54 4.70
N SER A 8 -1.46 -34.54 4.70
CA SER A 8 -2.79 -33.93 4.84
CA SER A 8 -2.79 -33.93 4.84
C SER A 8 -2.86 -32.52 4.23
C SER A 8 -2.86 -32.52 4.24
N ASN A 9 -1.70 -31.88 4.14
CA ASN A 9 -1.57 -30.53 3.58
C ASN A 9 -0.92 -30.49 2.21
N SER A 10 -0.69 -31.67 1.62
CA SER A 10 -0.06 -31.77 0.31
C SER A 10 -0.95 -31.30 -0.83
N LEU A 11 -0.30 -30.79 -1.88
CA LEU A 11 -0.96 -30.31 -3.08
C LEU A 11 -1.51 -31.50 -3.87
N PRO A 12 -2.66 -31.31 -4.57
CA PRO A 12 -3.23 -32.42 -5.36
C PRO A 12 -2.38 -32.69 -6.59
N LEU A 13 -2.30 -33.96 -6.98
CA LEU A 13 -1.52 -34.35 -8.15
C LEU A 13 -2.16 -33.87 -9.45
N MET A 14 -3.49 -33.77 -9.46
CA MET A 14 -4.19 -33.25 -10.62
C MET A 14 -4.46 -31.76 -10.34
N GLU A 15 -4.67 -30.98 -11.40
CA GLU A 15 -4.90 -29.53 -11.30
C GLU A 15 -6.25 -29.12 -10.69
N ASP A 16 -6.55 -29.69 -9.53
CA ASP A 16 -7.78 -29.46 -8.77
C ASP A 16 -7.72 -28.10 -8.05
N VAL A 17 -8.52 -27.15 -8.53
CA VAL A 17 -8.57 -25.78 -7.99
C VAL A 17 -8.87 -25.72 -6.48
N GLN A 18 -9.91 -26.42 -6.04
CA GLN A 18 -10.26 -26.42 -4.61
C GLN A 18 -9.26 -27.19 -3.76
N GLY A 19 -8.65 -28.23 -4.33
CA GLY A 19 -7.64 -29.02 -3.63
C GLY A 19 -6.40 -28.18 -3.38
N ILE A 20 -6.07 -27.34 -4.35
CA ILE A 20 -4.92 -26.42 -4.28
C ILE A 20 -5.19 -25.39 -3.18
N ARG A 21 -6.42 -24.87 -3.15
CA ARG A 21 -6.82 -23.86 -2.17
C ARG A 21 -6.74 -24.38 -0.73
N LYS A 22 -7.17 -25.64 -0.53
CA LYS A 22 -7.16 -26.30 0.79
C LYS A 22 -5.72 -26.47 1.29
N ALA A 23 -4.83 -26.83 0.38
CA ALA A 23 -3.41 -27.03 0.69
C ALA A 23 -2.66 -25.71 0.89
N GLN A 24 -3.04 -24.70 0.10
CA GLN A 24 -2.42 -23.38 0.11
C GLN A 24 -2.70 -22.53 1.36
N LYS A 25 -3.92 -22.60 1.87
CA LYS A 25 -4.31 -21.81 3.04
C LYS A 25 -3.74 -22.33 4.36
N ALA A 26 -3.56 -21.44 5.34
CA ALA A 26 -3.06 -21.83 6.65
C ALA A 26 -4.22 -22.30 7.52
N ASP A 27 -3.90 -22.91 8.66
CA ASP A 27 -4.94 -23.42 9.54
C ASP A 27 -5.42 -22.44 10.61
N GLY A 28 -4.46 -21.91 11.37
CA GLY A 28 -4.76 -21.01 12.48
C GLY A 28 -4.69 -19.52 12.30
N THR A 29 -4.82 -18.84 13.44
CA THR A 29 -4.81 -17.39 13.53
C THR A 29 -3.40 -16.79 13.45
N ALA A 30 -3.30 -15.66 12.74
CA ALA A 30 -2.03 -14.93 12.58
C ALA A 30 -1.54 -14.52 13.95
N THR A 31 -0.29 -14.85 14.24
CA THR A 31 0.28 -14.60 15.55
C THR A 31 1.60 -13.85 15.52
N VAL A 32 1.72 -12.85 16.40
CA VAL A 32 2.94 -12.05 16.56
C VAL A 32 3.92 -12.95 17.32
N MET A 33 5.09 -13.18 16.73
CA MET A 33 6.10 -14.03 17.33
C MET A 33 7.47 -13.41 17.57
N ALA A 34 7.61 -12.13 17.22
CA ALA A 34 8.85 -11.36 17.40
C ALA A 34 8.61 -9.88 17.17
N ILE A 35 9.24 -9.04 17.99
CA ILE A 35 9.14 -7.58 17.87
C ILE A 35 10.53 -6.97 18.07
N GLY A 36 10.96 -6.18 17.09
CA GLY A 36 12.24 -5.51 17.14
C GLY A 36 12.04 -4.02 16.91
N THR A 37 12.79 -3.19 17.62
CA THR A 37 12.66 -1.74 17.50
C THR A 37 14.00 -1.03 17.30
N ALA A 38 13.94 0.14 16.66
CA ALA A 38 15.13 0.95 16.40
C ALA A 38 14.77 2.42 16.34
N HIS A 39 15.76 3.25 16.65
CA HIS A 39 15.60 4.70 16.63
C HIS A 39 16.94 5.32 16.23
N PRO A 40 16.93 6.54 15.63
CA PRO A 40 18.17 7.20 15.24
C PRO A 40 18.93 7.66 16.51
N PRO A 41 20.26 7.92 16.41
CA PRO A 41 21.04 8.35 17.58
C PRO A 41 20.89 9.70 18.30
N HIS A 42 20.41 10.73 17.62
CA HIS A 42 20.30 12.07 18.22
C HIS A 42 19.13 12.31 19.18
N ILE A 43 19.49 12.44 20.46
CA ILE A 43 18.53 12.66 21.55
C ILE A 43 18.15 14.14 21.69
N PHE A 44 16.85 14.40 21.66
CA PHE A 44 16.30 15.74 21.79
C PHE A 44 15.36 15.77 23.01
N PRO A 45 15.85 16.21 24.18
CA PRO A 45 15.01 16.28 25.40
C PRO A 45 13.90 17.31 25.20
N GLN A 46 12.69 16.98 25.67
CA GLN A 46 11.55 17.87 25.50
C GLN A 46 11.59 19.16 26.33
N ASP A 47 12.32 19.15 27.45
CA ASP A 47 12.43 20.33 28.31
C ASP A 47 13.27 21.47 27.69
N THR A 48 14.06 21.11 26.68
CA THR A 48 14.91 22.08 25.96
C THR A 48 14.51 22.17 24.48
N TYR A 49 13.43 21.49 24.09
CA TYR A 49 12.98 21.48 22.68
C TYR A 49 12.58 22.86 22.14
N ALA A 50 11.90 23.66 22.96
CA ALA A 50 11.47 25.00 22.55
C ALA A 50 12.69 25.86 22.20
N ASP A 51 13.77 25.70 22.98
CA ASP A 51 15.03 26.42 22.77
C ASP A 51 15.72 25.97 21.49
N VAL A 52 15.84 24.64 21.32
CA VAL A 52 16.49 24.02 20.16
C VAL A 52 15.76 24.28 18.84
N TYR A 53 14.44 24.08 18.85
CA TYR A 53 13.58 24.28 17.67
C TYR A 53 13.56 25.75 17.19
N PHE A 54 13.37 26.68 18.13
CA PHE A 54 13.33 28.11 17.78
C PHE A 54 14.68 28.69 17.34
N ARG A 55 15.77 28.09 17.82
CA ARG A 55 17.12 28.51 17.45
C ARG A 55 17.47 27.96 16.06
N ALA A 56 17.15 26.68 15.85
CA ALA A 56 17.42 26.00 14.58
C ALA A 56 16.62 26.56 13.40
N THR A 57 15.47 27.17 13.72
CA THR A 57 14.58 27.73 12.71
C THR A 57 14.57 29.26 12.60
N ASN A 58 15.58 29.92 13.17
CA ASN A 58 15.73 31.39 13.16
C ASN A 58 14.43 32.10 13.60
N SER A 59 13.85 31.59 14.68
CA SER A 59 12.59 32.13 15.19
C SER A 59 12.61 32.61 16.64
N GLU A 60 13.80 32.69 17.24
CA GLU A 60 13.93 33.14 18.63
C GLU A 60 13.50 34.58 18.90
N HIS A 61 13.24 35.33 17.83
CA HIS A 61 12.78 36.72 17.93
C HIS A 61 11.28 36.81 18.19
N LYS A 62 10.58 35.70 17.92
CA LYS A 62 9.13 35.60 18.13
C LYS A 62 8.96 35.14 19.58
N VAL A 63 9.16 36.11 20.49
CA VAL A 63 9.11 35.93 21.94
C VAL A 63 7.81 35.32 22.49
N GLU A 64 6.67 35.88 22.08
CA GLU A 64 5.36 35.40 22.53
C GLU A 64 4.95 34.05 21.99
N LEU A 65 5.46 33.70 20.81
CA LEU A 65 5.17 32.41 20.18
C LEU A 65 5.99 31.31 20.85
N LYS A 66 7.18 31.66 21.32
CA LYS A 66 8.09 30.73 22.01
C LYS A 66 7.53 30.31 23.36
N LYS A 67 6.94 31.27 24.08
CA LYS A 67 6.33 31.05 25.40
C LYS A 67 5.10 30.16 25.27
N LYS A 68 4.38 30.32 24.15
CA LYS A 68 3.18 29.56 23.83
C LYS A 68 3.57 28.12 23.46
N PHE A 69 4.68 27.98 22.74
CA PHE A 69 5.19 26.67 22.30
C PHE A 69 5.80 25.88 23.46
N ASP A 70 6.45 26.58 24.40
CA ASP A 70 7.08 25.96 25.57
C ASP A 70 6.00 25.35 26.47
N HIS A 71 4.84 26.00 26.51
CA HIS A 71 3.68 25.56 27.30
C HIS A 71 3.11 24.28 26.67
N ILE A 72 3.04 24.25 25.34
CA ILE A 72 2.54 23.10 24.58
C ILE A 72 3.47 21.89 24.80
N CYS A 73 4.78 22.15 24.81
CA CYS A 73 5.80 21.12 25.02
C CYS A 73 5.71 20.46 26.40
N LYS A 74 5.33 21.25 27.41
CA LYS A 74 5.17 20.76 28.79
C LYS A 74 3.92 19.89 28.92
N LYS A 75 2.90 20.23 28.12
CA LYS A 75 1.61 19.52 28.12
C LYS A 75 1.59 18.23 27.30
N THR A 76 2.59 18.02 26.45
CA THR A 76 2.67 16.83 25.58
C THR A 76 2.93 15.50 26.29
N MET A 77 3.53 15.57 27.48
CA MET A 77 3.91 14.41 28.29
C MET A 77 4.89 13.49 27.55
N ILE A 78 5.79 14.16 26.82
CA ILE A 78 6.88 13.54 26.07
C ILE A 78 8.12 14.03 26.82
N GLY A 79 9.04 13.12 27.11
CA GLY A 79 10.26 13.49 27.81
C GLY A 79 11.43 13.67 26.88
N LYS A 80 11.50 12.82 25.87
CA LYS A 80 12.57 12.86 24.86
C LYS A 80 12.12 12.20 23.57
N ARG A 81 12.79 12.58 22.47
CA ARG A 81 12.55 12.04 21.14
C ARG A 81 13.90 11.86 20.45
N TYR A 82 13.90 11.00 19.42
CA TYR A 82 15.09 10.69 18.65
C TYR A 82 14.92 11.13 17.21
N PHE A 83 15.99 11.73 16.66
CA PHE A 83 15.97 12.21 15.27
C PHE A 83 17.26 11.84 14.53
N ASN A 84 17.19 11.77 13.19
CA ASN A 84 18.36 11.42 12.37
C ASN A 84 19.22 12.64 12.05
N TYR A 85 18.89 13.75 12.72
CA TYR A 85 19.57 15.01 12.55
C TYR A 85 19.86 15.66 13.89
N ASP A 86 20.90 16.50 13.91
CA ASP A 86 21.24 17.29 15.09
C ASP A 86 21.22 18.74 14.57
N GLU A 87 21.60 19.71 15.41
CA GLU A 87 21.61 21.11 15.01
C GLU A 87 22.59 21.42 13.89
N GLU A 88 23.71 20.69 13.86
CA GLU A 88 24.77 20.84 12.85
C GLU A 88 24.31 20.38 11.46
N PHE A 89 23.49 19.31 11.44
CA PHE A 89 22.94 18.73 10.20
C PHE A 89 21.94 19.70 9.56
N LEU A 90 21.12 20.33 10.40
CA LEU A 90 20.11 21.29 9.95
C LEU A 90 20.65 22.57 9.35
N LYS A 91 21.89 22.91 9.69
CA LYS A 91 22.56 24.12 9.17
C LYS A 91 22.90 24.00 7.69
N LYS A 92 22.97 22.77 7.21
CA LYS A 92 23.27 22.47 5.80
C LYS A 92 22.02 22.64 4.95
N TYR A 93 20.86 22.72 5.61
CA TYR A 93 19.56 22.85 4.94
C TYR A 93 18.72 24.03 5.46
N PRO A 94 19.05 25.29 5.06
CA PRO A 94 18.26 26.46 5.52
C PRO A 94 16.84 26.50 4.95
N ASN A 95 16.61 25.70 3.91
CA ASN A 95 15.30 25.60 3.25
C ASN A 95 14.32 24.72 4.05
N ILE A 96 14.85 23.71 4.74
CA ILE A 96 14.04 22.81 5.57
C ILE A 96 13.64 23.53 6.87
N THR A 97 14.55 24.36 7.39
CA THR A 97 14.33 25.10 8.63
C THR A 97 13.53 26.41 8.46
N SER A 98 13.14 26.69 7.22
CA SER A 98 12.32 27.87 6.91
C SER A 98 10.86 27.41 6.98
N TYR A 99 9.91 28.30 6.66
CA TYR A 99 8.50 27.90 6.67
C TYR A 99 8.06 27.33 5.33
N ASP A 100 8.18 28.10 4.26
CA ASP A 100 7.74 27.67 2.94
C ASP A 100 8.68 27.76 1.72
N GLU A 101 9.98 27.62 1.95
CA GLU A 101 10.96 27.64 0.84
C GLU A 101 10.97 26.23 0.21
N PRO A 102 11.27 26.11 -1.11
CA PRO A 102 11.31 24.79 -1.78
C PRO A 102 12.22 23.81 -1.03
N SER A 103 11.67 22.67 -0.62
CA SER A 103 12.43 21.71 0.17
C SER A 103 12.14 20.23 0.00
N LEU A 104 11.14 19.87 -0.82
CA LEU A 104 10.80 18.46 -1.03
C LEU A 104 11.96 17.59 -1.53
N ASN A 105 12.71 18.09 -2.50
CA ASN A 105 13.85 17.36 -3.07
C ASN A 105 14.87 16.94 -2.02
N ASP A 106 15.21 17.86 -1.12
CA ASP A 106 16.17 17.62 -0.04
C ASP A 106 15.63 16.63 0.99
N ARG A 107 14.32 16.73 1.28
CA ARG A 107 13.65 15.84 2.23
C ARG A 107 13.57 14.43 1.65
N GLN A 108 13.32 14.34 0.34
CA GLN A 108 13.25 13.05 -0.37
C GLN A 108 14.63 12.39 -0.39
N ASP A 109 15.66 13.18 -0.63
CA ASP A 109 17.05 12.69 -0.67
C ASP A 109 17.51 12.08 0.65
N ILE A 110 16.89 12.52 1.74
CA ILE A 110 17.17 12.03 3.10
C ILE A 110 16.26 10.83 3.42
N CYS A 111 14.95 11.02 3.20
CA CYS A 111 13.94 10.00 3.50
C CYS A 111 13.85 8.76 2.63
N VAL A 112 14.06 8.91 1.32
CA VAL A 112 14.01 7.76 0.39
C VAL A 112 15.04 6.67 0.77
N PRO A 113 16.33 7.01 1.05
CA PRO A 113 17.22 5.91 1.43
C PRO A 113 17.26 5.72 2.97
N GLY A 114 16.95 6.79 3.71
CA GLY A 114 16.97 6.77 5.17
C GLY A 114 15.92 5.95 5.88
N VAL A 115 14.68 6.02 5.40
CA VAL A 115 13.57 5.26 6.00
C VAL A 115 13.78 3.72 5.88
N PRO A 116 14.18 3.20 4.69
CA PRO A 116 14.39 1.75 4.60
C PRO A 116 15.58 1.31 5.45
N ALA A 117 16.56 2.20 5.62
CA ALA A 117 17.76 1.93 6.43
C ALA A 117 17.39 1.80 7.91
N LEU A 118 16.55 2.70 8.39
CA LEU A 118 16.09 2.69 9.79
C LEU A 118 15.18 1.49 10.04
N GLY A 119 14.35 1.19 9.04
CA GLY A 119 13.44 0.05 9.14
C GLY A 119 14.17 -1.28 9.17
N THR A 120 15.26 -1.35 8.40
CA THR A 120 16.10 -2.54 8.32
C THR A 120 16.75 -2.83 9.69
N GLU A 121 17.10 -1.77 10.43
CA GLU A 121 17.71 -1.89 11.76
C GLU A 121 16.76 -2.59 12.74
N ALA A 122 15.47 -2.24 12.65
CA ALA A 122 14.43 -2.83 13.49
C ALA A 122 14.14 -4.26 13.04
N ALA A 123 14.17 -4.46 11.72
CA ALA A 123 13.92 -5.78 11.11
C ALA A 123 14.97 -6.81 11.48
N VAL A 124 16.24 -6.39 11.53
CA VAL A 124 17.36 -7.26 11.90
C VAL A 124 17.16 -7.80 13.33
N LYS A 125 16.68 -6.93 14.22
CA LYS A 125 16.43 -7.29 15.62
C LYS A 125 15.24 -8.25 15.74
N ALA A 126 14.21 -8.05 14.92
CA ALA A 126 13.02 -8.90 14.90
C ALA A 126 13.35 -10.30 14.39
N ILE A 127 14.18 -10.36 13.34
CA ILE A 127 14.62 -11.63 12.73
C ILE A 127 15.51 -12.42 13.69
N GLU A 128 16.36 -11.71 14.45
CA GLU A 128 17.27 -12.31 15.43
C GLU A 128 16.50 -12.96 16.59
N GLU A 129 15.44 -12.28 17.05
CA GLU A 129 14.60 -12.77 18.15
C GLU A 129 13.82 -14.01 17.70
N TRP A 130 13.31 -13.96 16.47
CA TRP A 130 12.55 -15.04 15.84
C TRP A 130 13.42 -16.31 15.74
N GLY A 131 14.67 -16.13 15.35
CA GLY A 131 15.62 -17.23 15.26
C GLY A 131 15.69 -18.09 14.01
N ARG A 132 14.71 -17.96 13.12
CA ARG A 132 14.69 -18.74 11.88
C ARG A 132 15.39 -17.96 10.76
N PRO A 133 15.91 -18.65 9.71
CA PRO A 133 16.61 -17.96 8.61
C PRO A 133 15.74 -16.92 7.90
N LYS A 134 16.37 -15.82 7.49
CA LYS A 134 15.68 -14.71 6.80
C LYS A 134 15.08 -15.13 5.45
N SER A 135 15.60 -16.23 4.89
CA SER A 135 15.14 -16.77 3.61
C SER A 135 13.74 -17.38 3.71
N GLU A 136 13.31 -17.63 4.95
CA GLU A 136 12.00 -18.20 5.24
C GLU A 136 10.88 -17.17 5.42
N ILE A 137 11.23 -15.90 5.24
CA ILE A 137 10.26 -14.79 5.28
C ILE A 137 9.67 -14.81 3.87
N THR A 138 8.35 -14.90 3.81
CA THR A 138 7.65 -14.99 2.53
C THR A 138 6.95 -13.70 2.12
N HIS A 139 6.63 -12.86 3.11
CA HIS A 139 5.93 -11.59 2.87
C HIS A 139 6.59 -10.43 3.64
N LEU A 140 6.68 -9.27 3.00
CA LEU A 140 7.23 -8.06 3.62
C LEU A 140 6.20 -6.94 3.50
N VAL A 141 5.81 -6.40 4.64
CA VAL A 141 4.85 -5.29 4.68
C VAL A 141 5.63 -4.09 5.22
N PHE A 142 5.97 -3.16 4.33
CA PHE A 142 6.71 -1.97 4.72
C PHE A 142 5.72 -0.81 4.82
N CYS A 143 5.91 0.01 5.85
CA CYS A 143 5.04 1.13 6.12
C CYS A 143 5.75 2.42 6.50
N THR A 144 5.40 3.50 5.78
CA THR A 144 5.95 4.83 6.05
C THR A 144 5.15 5.97 5.43
N SER A 145 5.17 7.10 6.11
CA SER A 145 4.53 8.33 5.65
C SER A 145 5.62 9.35 5.31
N CYS A 146 6.87 8.88 5.32
CA CYS A 146 8.02 9.75 5.06
C CYS A 146 8.83 9.34 3.83
N GLY A 147 8.50 9.94 2.70
CA GLY A 147 9.18 9.65 1.45
C GLY A 147 8.49 8.63 0.58
N VAL A 148 8.50 8.89 -0.72
CA VAL A 148 7.90 8.02 -1.75
C VAL A 148 8.88 7.92 -2.94
N ASP A 149 8.96 6.74 -3.56
CA ASP A 149 9.89 6.51 -4.70
C ASP A 149 9.50 5.24 -5.46
N MET A 150 10.00 5.11 -6.69
N MET A 150 10.01 5.11 -6.69
CA MET A 150 9.77 3.94 -7.55
CA MET A 150 9.77 3.95 -7.56
C MET A 150 11.12 3.42 -8.10
C MET A 150 11.10 3.43 -8.10
N PRO A 151 11.53 2.19 -7.71
CA PRO A 151 10.92 1.19 -6.81
C PRO A 151 10.89 1.62 -5.34
N SER A 152 9.76 1.33 -4.73
CA SER A 152 9.44 1.74 -3.37
C SER A 152 10.29 1.29 -2.18
N ALA A 153 9.96 1.84 -1.02
CA ALA A 153 10.66 1.57 0.24
C ALA A 153 10.74 0.09 0.64
N ASP A 154 9.74 -0.69 0.23
CA ASP A 154 9.70 -2.13 0.49
C ASP A 154 10.81 -2.84 -0.28
N PHE A 155 11.05 -2.39 -1.51
CA PHE A 155 12.09 -2.93 -2.38
C PHE A 155 13.46 -2.68 -1.74
N GLN A 156 13.67 -1.45 -1.27
CA GLN A 156 14.94 -1.05 -0.66
C GLN A 156 15.23 -1.80 0.63
N CYS A 157 14.19 -2.03 1.44
CA CYS A 157 14.31 -2.76 2.70
C CYS A 157 14.65 -4.22 2.44
N ALA A 158 13.97 -4.81 1.45
CA ALA A 158 14.20 -6.20 1.05
C ALA A 158 15.63 -6.42 0.56
N LYS A 159 16.14 -5.43 -0.17
CA LYS A 159 17.50 -5.44 -0.70
C LYS A 159 18.54 -5.35 0.42
N LEU A 160 18.32 -4.43 1.35
CA LEU A 160 19.23 -4.23 2.50
C LEU A 160 19.28 -5.43 3.45
N LEU A 161 18.14 -6.11 3.59
CA LEU A 161 18.03 -7.29 4.44
C LEU A 161 18.52 -8.55 3.75
N GLY A 162 18.50 -8.54 2.42
CA GLY A 162 18.92 -9.69 1.65
C GLY A 162 17.87 -10.79 1.61
N LEU A 163 16.60 -10.36 1.55
CA LEU A 163 15.47 -11.30 1.50
C LEU A 163 15.41 -11.98 0.13
N HIS A 164 14.69 -13.09 0.06
CA HIS A 164 14.53 -13.87 -1.18
C HIS A 164 13.93 -13.00 -2.29
N ALA A 165 14.33 -13.26 -3.54
CA ALA A 165 13.86 -12.49 -4.70
C ALA A 165 12.35 -12.62 -4.92
N ASN A 166 11.78 -13.71 -4.41
CA ASN A 166 10.35 -14.00 -4.54
C ASN A 166 9.46 -13.62 -3.36
N VAL A 167 9.96 -12.72 -2.49
N VAL A 167 9.97 -12.71 -2.51
CA VAL A 167 9.20 -12.25 -1.33
CA VAL A 167 9.23 -12.22 -1.34
C VAL A 167 8.08 -11.34 -1.83
C VAL A 167 8.08 -11.33 -1.82
N ASN A 168 6.86 -11.62 -1.34
CA ASN A 168 5.67 -10.84 -1.70
C ASN A 168 5.68 -9.56 -0.88
N LYS A 169 5.88 -8.42 -1.57
CA LYS A 169 5.97 -7.13 -0.92
C LYS A 169 4.73 -6.26 -0.98
N TYR A 170 4.52 -5.52 0.11
CA TYR A 170 3.39 -4.61 0.31
C TYR A 170 3.96 -3.30 0.81
N CYS A 171 3.70 -2.21 0.08
CA CYS A 171 4.19 -0.91 0.49
C CYS A 171 3.04 -0.01 0.91
N ILE A 172 2.96 0.23 2.22
CA ILE A 172 1.91 1.06 2.80
C ILE A 172 2.45 2.49 2.94
N TYR A 173 2.15 3.29 1.93
CA TYR A 173 2.57 4.68 1.89
C TYR A 173 1.50 5.64 2.33
N MET A 174 1.94 6.65 3.08
CA MET A 174 1.11 7.75 3.56
C MET A 174 -0.24 7.42 4.21
N GLN A 175 -0.20 6.50 5.16
CA GLN A 175 -1.40 6.13 5.89
C GLN A 175 -1.37 6.72 7.31
N GLY A 176 -0.42 7.63 7.52
CA GLY A 176 -0.29 8.34 8.78
C GLY A 176 -0.26 7.60 10.09
N TYR A 178 -2.56 6.01 11.73
CA TYR A 178 -3.36 4.81 11.91
C TYR A 178 -2.66 3.60 11.31
N ALA A 179 -1.59 3.86 10.55
CA ALA A 179 -0.81 2.85 9.85
C ALA A 179 -0.21 1.70 10.65
N GLY A 180 0.01 1.93 11.94
CA GLY A 180 0.53 0.90 12.83
C GLY A 180 -0.53 -0.17 13.03
N GLY A 181 -1.79 0.22 12.84
CA GLY A 181 -2.90 -0.72 12.93
C GLY A 181 -3.11 -1.38 11.58
N THR A 182 -2.91 -0.61 10.50
CA THR A 182 -3.09 -1.09 9.12
C THR A 182 -2.17 -2.26 8.79
N VAL A 183 -0.93 -2.21 9.28
CA VAL A 183 0.04 -3.28 9.05
C VAL A 183 -0.38 -4.62 9.68
N MET A 184 -1.08 -4.53 10.81
CA MET A 184 -1.58 -5.71 11.53
C MET A 184 -2.73 -6.32 10.74
N ARG A 185 -3.51 -5.46 10.09
CA ARG A 185 -4.64 -5.85 9.26
C ARG A 185 -4.17 -6.59 8.01
N TYR A 186 -3.09 -6.07 7.39
CA TYR A 186 -2.50 -6.67 6.20
C TYR A 186 -1.91 -8.03 6.57
N ALA A 187 -1.09 -8.03 7.63
CA ALA A 187 -0.40 -9.22 8.12
C ALA A 187 -1.33 -10.38 8.45
N LYS A 188 -2.50 -10.04 8.99
CA LYS A 188 -3.51 -11.03 9.36
C LYS A 188 -3.96 -11.88 8.16
N ASP A 189 -4.44 -11.22 7.10
CA ASP A 189 -4.91 -11.92 5.90
C ASP A 189 -3.80 -12.64 5.13
N LEU A 190 -2.60 -12.04 5.11
CA LEU A 190 -1.45 -12.61 4.42
C LEU A 190 -0.95 -13.91 5.06
N ALA A 191 -0.86 -13.91 6.38
CA ALA A 191 -0.39 -15.06 7.14
C ALA A 191 -1.41 -16.20 7.18
N GLU A 192 -2.68 -15.84 7.39
CA GLU A 192 -3.76 -16.81 7.49
C GLU A 192 -4.16 -17.48 6.20
N ASN A 193 -4.01 -16.79 5.08
CA ASN A 193 -4.38 -17.36 3.80
C ASN A 193 -3.24 -18.10 3.10
N ASN A 194 -2.07 -18.12 3.72
CA ASN A 194 -0.92 -18.79 3.11
C ASN A 194 -0.16 -19.68 4.08
N ARG A 195 -0.28 -20.99 3.88
CA ARG A 195 0.40 -21.99 4.71
C ARG A 195 1.91 -21.82 4.64
N GLY A 196 2.53 -21.76 5.82
CA GLY A 196 3.97 -21.59 5.91
C GLY A 196 4.42 -20.15 5.87
N ALA A 197 3.52 -19.23 5.53
CA ALA A 197 3.85 -17.81 5.42
C ALA A 197 4.29 -17.15 6.71
N ARG A 198 5.38 -16.40 6.58
CA ARG A 198 5.95 -15.65 7.69
C ARG A 198 6.10 -14.23 7.19
N VAL A 199 5.28 -13.35 7.77
CA VAL A 199 5.22 -11.94 7.39
C VAL A 199 6.09 -11.04 8.24
N LEU A 200 6.97 -10.28 7.57
CA LEU A 200 7.81 -9.32 8.26
C LEU A 200 7.17 -7.95 8.05
N VAL A 201 6.71 -7.38 9.16
CA VAL A 201 6.09 -6.06 9.18
C VAL A 201 7.16 -5.06 9.59
N VAL A 202 7.29 -3.97 8.84
CA VAL A 202 8.26 -2.93 9.17
C VAL A 202 7.61 -1.55 9.06
N CYS A 203 7.58 -0.83 10.18
CA CYS A 203 7.04 0.52 10.24
C CYS A 203 8.22 1.43 10.56
N ALA A 204 8.54 2.37 9.67
CA ALA A 204 9.68 3.27 9.88
C ALA A 204 9.35 4.68 9.48
N GLU A 205 9.73 5.65 10.31
CA GLU A 205 9.45 7.07 10.02
C GLU A 205 10.60 8.01 10.32
N LEU A 206 10.82 8.95 9.41
CA LEU A 206 11.82 10.00 9.55
C LEU A 206 11.05 11.30 9.36
N THR A 207 10.68 11.89 10.49
CA THR A 207 9.85 13.10 10.53
C THR A 207 10.41 14.41 9.98
N ILE A 208 11.62 14.38 9.43
CA ILE A 208 12.24 15.57 8.81
C ILE A 208 11.43 15.96 7.56
N MET A 209 10.60 15.03 7.09
CA MET A 209 9.73 15.23 5.93
C MET A 209 8.65 16.30 6.24
N GLY A 210 8.39 16.52 7.54
CA GLY A 210 7.40 17.50 7.96
C GLY A 210 7.91 18.66 8.79
N LEU A 211 9.22 18.69 9.08
CA LEU A 211 9.83 19.75 9.89
C LEU A 211 9.92 21.09 9.15
N ARG A 212 9.50 22.16 9.83
CA ARG A 212 9.56 23.53 9.30
C ARG A 212 9.47 24.55 10.42
N ALA A 213 9.67 25.82 10.07
CA ALA A 213 9.61 26.93 11.02
C ALA A 213 8.21 27.18 11.56
N PRO A 214 8.10 27.66 12.82
CA PRO A 214 6.77 27.91 13.39
C PRO A 214 6.11 29.16 12.79
N ASN A 215 4.78 29.14 12.75
CA ASN A 215 4.00 30.23 12.19
C ASN A 215 2.79 30.47 13.09
N GLU A 216 2.47 31.76 13.29
CA GLU A 216 1.36 32.19 14.14
C GLU A 216 -0.02 31.89 13.55
N THR A 217 -0.12 31.88 12.21
CA THR A 217 -1.37 31.60 11.50
C THR A 217 -1.57 30.11 11.21
N HIS A 218 -0.54 29.31 11.47
CA HIS A 218 -0.54 27.87 11.26
C HIS A 218 0.06 27.24 12.53
N LEU A 219 -0.55 27.58 13.67
CA LEU A 219 -0.13 27.12 15.02
C LEU A 219 -0.17 25.61 15.19
N ASP A 220 -1.13 24.97 14.52
CA ASP A 220 -1.31 23.52 14.56
C ASP A 220 -0.15 22.71 13.97
N ASN A 221 0.66 23.36 13.12
CA ASN A 221 1.82 22.72 12.50
C ASN A 221 2.94 22.58 13.54
N ALA A 222 3.09 23.62 14.36
CA ALA A 222 4.12 23.64 15.42
C ALA A 222 3.77 22.60 16.50
N ILE A 223 2.48 22.44 16.74
CA ILE A 223 1.95 21.48 17.71
C ILE A 223 2.26 20.05 17.26
N GLY A 224 2.24 19.83 15.94
CA GLY A 224 2.58 18.53 15.39
C GLY A 224 4.06 18.26 15.51
N ILE A 225 4.87 19.31 15.31
CA ILE A 225 6.33 19.21 15.42
C ILE A 225 6.78 18.95 16.87
N SER A 226 5.93 19.30 17.84
CA SER A 226 6.22 19.06 19.26
C SER A 226 5.90 17.62 19.65
N LEU A 227 5.17 16.93 18.77
CA LEU A 227 4.77 15.54 19.00
C LEU A 227 5.56 14.48 18.26
N PHE A 228 5.78 14.70 16.98
CA PHE A 228 6.46 13.74 16.12
C PHE A 228 7.94 13.46 16.32
N GLY A 229 8.27 12.16 16.43
CA GLY A 229 9.64 11.71 16.62
C GLY A 229 9.95 10.57 15.66
N ASP A 230 11.23 10.33 15.41
CA ASP A 230 11.65 9.27 14.49
C ASP A 230 11.75 7.91 15.17
N GLY A 231 11.47 6.85 14.41
CA GLY A 231 11.56 5.52 14.96
C GLY A 231 11.10 4.44 14.01
N ALA A 232 11.41 3.20 14.40
CA ALA A 232 11.05 2.02 13.63
C ALA A 232 10.69 0.85 14.51
N ALA A 233 9.67 0.11 14.07
CA ALA A 233 9.21 -1.08 14.77
C ALA A 233 8.99 -2.17 13.73
N ALA A 234 9.44 -3.37 14.06
CA ALA A 234 9.31 -4.51 13.15
C ALA A 234 8.76 -5.70 13.87
N LEU A 235 7.87 -6.44 13.18
CA LEU A 235 7.23 -7.62 13.76
C LEU A 235 7.24 -8.81 12.79
N ILE A 236 7.34 -10.01 13.36
CA ILE A 236 7.27 -11.25 12.56
C ILE A 236 5.91 -11.84 12.93
N ILE A 237 5.05 -12.00 11.93
CA ILE A 237 3.70 -12.53 12.11
C ILE A 237 3.48 -13.76 11.24
N GLY A 238 2.86 -14.79 11.82
CA GLY A 238 2.59 -15.99 11.08
C GLY A 238 1.57 -16.87 11.76
N SER A 239 0.89 -17.68 10.97
CA SER A 239 -0.10 -18.62 11.47
C SER A 239 0.61 -19.94 11.72
N ASP A 240 0.00 -20.77 12.58
CA ASP A 240 0.50 -22.10 12.94
C ASP A 240 1.96 -22.09 13.45
N PRO A 241 2.19 -21.56 14.67
CA PRO A 241 3.54 -21.49 15.26
C PRO A 241 4.19 -22.85 15.47
N ILE A 242 5.49 -22.91 15.20
CA ILE A 242 6.27 -24.14 15.36
C ILE A 242 6.70 -24.24 16.83
N ILE A 243 6.18 -25.25 17.51
CA ILE A 243 6.46 -25.50 18.94
C ILE A 243 7.93 -25.82 19.15
N GLY A 244 8.54 -25.13 20.12
CA GLY A 244 9.94 -25.31 20.44
C GLY A 244 10.91 -24.44 19.67
N VAL A 245 10.42 -23.80 18.60
CA VAL A 245 11.24 -22.92 17.75
C VAL A 245 10.73 -21.47 17.85
N GLU A 246 9.43 -21.29 17.58
CA GLU A 246 8.82 -19.96 17.61
C GLU A 246 8.14 -19.68 18.94
N LYS A 247 8.01 -18.40 19.28
CA LYS A 247 7.40 -17.97 20.54
C LYS A 247 6.14 -17.14 20.26
N PRO A 248 4.96 -17.80 20.18
CA PRO A 248 3.69 -17.11 19.92
C PRO A 248 3.22 -16.21 21.06
N MET A 249 2.91 -14.96 20.73
CA MET A 249 2.50 -13.98 21.75
C MET A 249 1.09 -13.42 21.65
N PHE A 250 0.75 -12.82 20.51
CA PHE A 250 -0.56 -12.20 20.31
C PHE A 250 -1.23 -12.69 19.04
N GLU A 251 -2.45 -13.20 19.17
CA GLU A 251 -3.21 -13.70 18.02
C GLU A 251 -4.09 -12.57 17.50
N ILE A 252 -4.01 -12.31 16.19
CA ILE A 252 -4.76 -11.23 15.53
C ILE A 252 -6.10 -11.82 15.05
N VAL A 253 -7.12 -11.67 15.88
CA VAL A 253 -8.44 -12.24 15.67
C VAL A 253 -9.40 -11.52 14.72
N CYS A 254 -9.49 -10.20 14.83
CA CYS A 254 -10.39 -9.42 13.99
C CYS A 254 -9.77 -8.06 13.74
N THR A 255 -9.81 -7.61 12.49
CA THR A 255 -9.21 -6.34 12.11
C THR A 255 -10.11 -5.53 11.18
N LYS A 256 -10.57 -4.37 11.67
CA LYS A 256 -11.46 -3.50 10.88
C LYS A 256 -11.04 -2.03 10.89
N GLN A 257 -11.18 -1.40 9.72
CA GLN A 257 -10.85 0.02 9.53
C GLN A 257 -12.16 0.79 9.44
N THR A 258 -12.27 1.89 10.20
CA THR A 258 -13.49 2.70 10.20
C THR A 258 -13.22 4.19 9.95
N VAL A 259 -14.06 4.78 9.11
CA VAL A 259 -14.00 6.21 8.80
C VAL A 259 -15.12 6.90 9.59
N ILE A 260 -14.79 8.01 10.25
CA ILE A 260 -15.76 8.80 11.00
C ILE A 260 -16.23 9.86 9.98
N PRO A 261 -17.54 9.87 9.65
CA PRO A 261 -18.04 10.86 8.68
C PRO A 261 -17.95 12.31 9.12
N ASN A 262 -17.85 13.20 8.12
CA ASN A 262 -17.80 14.66 8.28
C ASN A 262 -16.61 15.18 9.10
N THR A 263 -15.50 14.46 9.02
CA THR A 263 -14.29 14.82 9.76
C THR A 263 -13.00 14.82 8.91
N GLU A 264 -13.15 15.03 7.59
CA GLU A 264 -12.00 15.03 6.67
C GLU A 264 -10.98 16.14 6.96
N ASP A 265 -11.48 17.27 7.44
CA ASP A 265 -10.65 18.44 7.75
C ASP A 265 -10.05 18.45 9.17
N VAL A 266 -10.22 17.36 9.91
CA VAL A 266 -9.70 17.28 11.28
C VAL A 266 -8.19 16.95 11.32
N ILE A 267 -7.75 15.93 10.60
CA ILE A 267 -6.33 15.59 10.49
C ILE A 267 -6.09 15.34 9.01
N HIS A 268 -5.30 16.22 8.39
CA HIS A 268 -4.96 16.08 6.99
C HIS A 268 -3.56 16.57 6.68
N LEU A 269 -2.85 15.81 5.85
CA LEU A 269 -1.48 16.14 5.46
C LEU A 269 -1.35 16.11 3.94
N HIS A 270 -0.64 17.08 3.39
CA HIS A 270 -0.46 17.17 1.93
C HIS A 270 1.02 17.22 1.56
N LEU A 271 1.41 16.45 0.55
CA LEU A 271 2.80 16.43 0.09
C LEU A 271 2.96 17.47 -1.02
N ARG A 272 3.65 18.55 -0.67
CA ARG A 272 3.85 19.69 -1.57
C ARG A 272 5.34 19.92 -1.87
N GLU A 273 5.63 20.98 -2.63
CA GLU A 273 7.00 21.36 -3.01
C GLU A 273 7.84 21.77 -1.79
N THR A 274 7.13 22.01 -0.68
CA THR A 274 7.71 22.43 0.60
C THR A 274 7.72 21.25 1.59
N GLY A 275 7.48 20.04 1.07
CA GLY A 275 7.45 18.85 1.90
C GLY A 275 6.06 18.54 2.41
N MET A 276 5.97 17.81 3.52
CA MET A 276 4.68 17.44 4.09
C MET A 276 4.09 18.55 4.97
N MET A 277 2.95 19.07 4.54
CA MET A 277 2.23 20.13 5.25
C MET A 277 1.18 19.49 6.14
N PHE A 278 1.33 19.72 7.45
CA PHE A 278 0.46 19.16 8.48
C PHE A 278 -0.62 20.14 8.97
N TYR A 279 -1.86 19.65 9.04
CA TYR A 279 -3.00 20.45 9.52
C TYR A 279 -3.78 19.64 10.56
N LEU A 280 -4.07 20.29 11.69
CA LEU A 280 -4.78 19.67 12.80
C LEU A 280 -5.81 20.57 13.46
N SER A 281 -7.03 20.03 13.62
CA SER A 281 -8.11 20.76 14.29
C SER A 281 -8.03 20.47 15.79
N LYS A 282 -8.56 21.40 16.58
CA LYS A 282 -8.59 21.31 18.05
C LYS A 282 -9.53 20.19 18.51
N GLY A 283 -10.44 19.80 17.62
CA GLY A 283 -11.41 18.76 17.91
C GLY A 283 -11.02 17.31 17.74
N SER A 284 -9.74 17.01 17.46
CA SER A 284 -9.31 15.61 17.27
C SER A 284 -9.44 14.66 18.48
N PRO A 285 -9.15 15.11 19.73
CA PRO A 285 -9.29 14.17 20.85
C PRO A 285 -10.75 13.76 21.10
N MET A 286 -11.66 14.73 21.01
CA MET A 286 -13.08 14.49 21.23
C MET A 286 -13.76 13.71 20.10
N THR A 287 -13.33 13.94 18.86
CA THR A 287 -13.89 13.24 17.69
C THR A 287 -13.56 11.75 17.77
N ILE A 288 -12.31 11.45 18.12
CA ILE A 288 -11.83 10.08 18.26
C ILE A 288 -12.55 9.37 19.42
N SER A 289 -12.66 10.04 20.56
N SER A 289 -12.66 10.05 20.56
CA SER A 289 -13.31 9.49 21.76
CA SER A 289 -13.31 9.51 21.76
C SER A 289 -14.81 9.23 21.62
C SER A 289 -14.80 9.23 21.62
N ASN A 290 -15.51 10.10 20.89
CA ASN A 290 -16.96 9.97 20.66
C ASN A 290 -17.34 8.82 19.72
N ASN A 291 -16.35 8.29 19.01
CA ASN A 291 -16.58 7.21 18.05
C ASN A 291 -15.83 5.91 18.30
N VAL A 292 -14.89 5.92 19.25
CA VAL A 292 -14.08 4.73 19.54
C VAL A 292 -14.87 3.52 20.07
N GLU A 293 -15.88 3.75 20.91
CA GLU A 293 -16.68 2.67 21.47
C GLU A 293 -17.46 1.89 20.40
N ALA A 294 -17.97 2.60 19.40
CA ALA A 294 -18.71 1.98 18.28
C ALA A 294 -17.78 1.09 17.45
N CYS A 295 -16.51 1.49 17.34
CA CYS A 295 -15.49 0.73 16.60
C CYS A 295 -15.17 -0.57 17.32
N LEU A 296 -15.14 -0.51 18.66
CA LEU A 296 -14.86 -1.66 19.49
C LEU A 296 -16.02 -2.66 19.47
N ILE A 297 -17.25 -2.14 19.53
CA ILE A 297 -18.46 -2.96 19.48
C ILE A 297 -18.52 -3.74 18.17
N ASP A 298 -18.13 -3.06 17.09
CA ASP A 298 -18.09 -3.62 15.73
C ASP A 298 -17.08 -4.78 15.63
N VAL A 299 -15.87 -4.58 16.16
CA VAL A 299 -14.81 -5.60 16.10
C VAL A 299 -15.16 -6.87 16.90
N PHE A 300 -15.90 -6.69 18.00
CA PHE A 300 -16.33 -7.82 18.85
C PHE A 300 -17.50 -8.57 18.22
N LYS A 301 -18.52 -7.84 17.76
CA LYS A 301 -19.70 -8.43 17.13
C LYS A 301 -19.40 -9.15 15.81
N SER A 302 -18.36 -8.68 15.10
CA SER A 302 -17.92 -9.27 13.83
C SER A 302 -17.39 -10.69 13.97
N VAL A 303 -17.01 -11.05 15.20
CA VAL A 303 -16.52 -12.40 15.51
C VAL A 303 -17.43 -13.13 16.49
N GLY A 304 -18.65 -12.60 16.66
CA GLY A 304 -19.66 -13.20 17.54
C GLY A 304 -19.47 -13.12 19.04
N ILE A 305 -18.55 -12.26 19.48
CA ILE A 305 -18.28 -12.09 20.91
C ILE A 305 -19.11 -10.92 21.42
N THR A 306 -19.77 -11.11 22.56
CA THR A 306 -20.57 -10.07 23.19
C THR A 306 -19.57 -9.05 23.76
N PRO A 307 -19.70 -7.75 23.40
CA PRO A 307 -18.79 -6.71 23.90
C PRO A 307 -18.80 -6.67 25.44
N PRO A 308 -17.61 -6.69 26.09
CA PRO A 308 -17.57 -6.65 27.56
C PRO A 308 -18.21 -5.41 28.16
N GLU A 309 -18.95 -5.63 29.26
CA GLU A 309 -19.66 -4.58 29.98
C GLU A 309 -18.68 -3.59 30.61
N ASP A 310 -17.49 -4.08 30.90
CA ASP A 310 -16.41 -3.29 31.50
C ASP A 310 -15.19 -3.38 30.57
N TRP A 311 -14.79 -2.23 30.02
CA TRP A 311 -13.64 -2.17 29.12
C TRP A 311 -12.31 -2.44 29.82
N ASN A 312 -12.35 -2.44 31.15
CA ASN A 312 -11.17 -2.72 31.98
C ASN A 312 -10.76 -4.19 31.96
N SER A 313 -11.62 -5.05 31.42
N SER A 313 -11.62 -5.05 31.43
CA SER A 313 -11.38 -6.48 31.30
CA SER A 313 -11.36 -6.49 31.32
C SER A 313 -10.37 -6.80 30.20
C SER A 313 -10.33 -6.80 30.22
N LEU A 314 -10.06 -5.80 29.38
CA LEU A 314 -9.12 -5.92 28.26
C LEU A 314 -7.80 -5.19 28.45
N PHE A 315 -6.76 -5.62 27.71
CA PHE A 315 -5.46 -4.93 27.71
C PHE A 315 -5.51 -3.97 26.52
N TRP A 316 -4.75 -2.90 26.57
CA TRP A 316 -4.82 -1.87 25.53
C TRP A 316 -3.52 -1.37 24.93
N ILE A 317 -3.54 -1.19 23.61
CA ILE A 317 -2.39 -0.63 22.87
C ILE A 317 -2.94 0.52 22.00
N PRO A 318 -3.24 1.69 22.62
CA PRO A 318 -3.76 2.81 21.82
C PRO A 318 -2.63 3.65 21.24
N HIS A 319 -2.80 4.13 20.02
CA HIS A 319 -1.80 4.98 19.40
C HIS A 319 -1.74 6.30 20.18
N PRO A 320 -0.54 6.69 20.68
CA PRO A 320 -0.36 7.91 21.45
C PRO A 320 -0.22 9.16 20.56
N GLY A 321 -1.30 9.47 19.83
CA GLY A 321 -1.33 10.61 18.92
C GLY A 321 -1.08 11.92 19.61
N GLY A 322 -1.53 11.98 20.86
CA GLY A 322 -1.36 13.13 21.72
C GLY A 322 -1.84 12.72 23.08
N ARG A 323 -1.39 13.42 24.12
CA ARG A 323 -1.80 13.13 25.49
C ARG A 323 -3.31 13.27 25.69
N ALA A 324 -3.91 14.27 25.04
CA ALA A 324 -5.36 14.51 25.15
C ALA A 324 -6.19 13.41 24.49
N ILE A 325 -5.62 12.75 23.47
CA ILE A 325 -6.32 11.64 22.79
C ILE A 325 -6.37 10.47 23.77
N LEU A 326 -5.25 10.19 24.43
CA LEU A 326 -5.15 9.11 25.42
C LEU A 326 -6.06 9.38 26.61
N ASP A 327 -6.04 10.61 27.13
CA ASP A 327 -6.86 11.02 28.27
C ASP A 327 -8.37 10.91 28.01
N GLN A 328 -8.81 11.40 26.85
CA GLN A 328 -10.22 11.39 26.51
C GLN A 328 -10.79 10.02 26.10
N VAL A 329 -9.96 9.17 25.48
CA VAL A 329 -10.39 7.80 25.11
C VAL A 329 -10.53 6.99 26.40
N GLU A 330 -9.59 7.21 27.32
CA GLU A 330 -9.57 6.55 28.63
C GLU A 330 -10.83 6.89 29.43
N ALA A 331 -11.20 8.17 29.41
CA ALA A 331 -12.37 8.69 30.11
C ALA A 331 -13.69 8.17 29.53
N LYS A 332 -13.78 8.13 28.19
CA LYS A 332 -14.98 7.66 27.50
C LYS A 332 -15.25 6.17 27.73
N LEU A 333 -14.18 5.39 27.78
CA LEU A 333 -14.30 3.94 27.98
C LEU A 333 -14.31 3.54 29.45
N LYS A 334 -14.30 4.55 30.34
CA LYS A 334 -14.31 4.41 31.81
C LYS A 334 -13.19 3.50 32.33
N LEU A 335 -12.03 3.65 31.70
CA LEU A 335 -10.84 2.89 32.04
C LEU A 335 -10.10 3.46 33.24
N ARG A 336 -9.51 2.55 34.03
CA ARG A 336 -8.72 2.90 35.21
C ARG A 336 -7.42 3.59 34.72
N PRO A 337 -6.84 4.53 35.52
CA PRO A 337 -5.62 5.25 35.14
C PRO A 337 -4.38 4.50 34.67
N GLU A 338 -4.28 3.20 34.98
CA GLU A 338 -3.13 2.40 34.55
C GLU A 338 -3.30 1.59 33.29
N LYS A 339 -4.50 1.59 32.74
CA LYS A 339 -4.80 0.82 31.53
C LYS A 339 -3.97 1.22 30.31
N PHE A 340 -3.64 2.51 30.23
CA PHE A 340 -2.84 3.05 29.13
C PHE A 340 -1.39 3.32 29.55
N ARG A 341 -0.93 2.71 30.65
CA ARG A 341 0.45 2.91 31.14
C ARG A 341 1.54 2.61 30.11
N ALA A 342 1.42 1.48 29.40
CA ALA A 342 2.40 1.09 28.38
C ALA A 342 2.51 2.15 27.28
N ALA A 343 1.36 2.72 26.90
CA ALA A 343 1.29 3.77 25.88
C ALA A 343 1.90 5.08 26.35
N ARG A 344 1.65 5.41 27.62
CA ARG A 344 2.18 6.64 28.24
C ARG A 344 3.69 6.58 28.46
N THR A 345 4.21 5.38 28.73
CA THR A 345 5.65 5.15 28.94
C THR A 345 6.40 5.36 27.61
N VAL A 346 5.85 4.83 26.52
CA VAL A 346 6.42 4.96 25.19
C VAL A 346 6.34 6.41 24.72
N LEU A 347 5.21 7.09 25.00
CA LEU A 347 5.02 8.49 24.63
C LEU A 347 6.07 9.35 25.37
N TRP A 348 6.36 8.98 26.62
CA TRP A 348 7.35 9.70 27.42
C TRP A 348 8.78 9.53 26.91
N ASP A 349 9.17 8.28 26.68
CA ASP A 349 10.53 7.97 26.24
C ASP A 349 10.82 8.14 24.75
N TYR A 350 9.79 8.12 23.91
CA TYR A 350 9.97 8.16 22.46
C TYR A 350 9.11 9.14 21.65
N GLY A 351 8.05 9.66 22.27
CA GLY A 351 7.16 10.56 21.57
C GLY A 351 6.22 9.82 20.62
N ASN A 352 5.62 10.56 19.68
CA ASN A 352 4.71 9.99 18.68
C ASN A 352 5.56 9.63 17.46
N MET A 353 5.86 8.34 17.30
CA MET A 353 6.68 7.83 16.19
C MET A 353 5.86 7.35 15.01
N VAL A 354 4.69 7.94 14.88
CA VAL A 354 3.72 7.65 13.81
C VAL A 354 3.37 6.16 13.79
N SER A 355 3.55 5.48 12.65
CA SER A 355 3.20 4.06 12.54
C SER A 355 3.98 3.10 13.44
N ALA A 356 5.13 3.56 13.93
CA ALA A 356 6.00 2.75 14.78
C ALA A 356 5.64 2.71 16.25
N SER A 357 4.82 3.66 16.70
CA SER A 357 4.42 3.76 18.10
C SER A 357 3.71 2.56 18.71
N VAL A 358 2.71 2.00 18.01
CA VAL A 358 1.99 0.84 18.55
C VAL A 358 2.85 -0.42 18.66
N GLY A 359 3.84 -0.55 17.76
CA GLY A 359 4.77 -1.68 17.78
C GLY A 359 5.65 -1.59 19.02
N TYR A 360 6.05 -0.36 19.34
CA TYR A 360 6.86 -0.05 20.51
C TYR A 360 6.08 -0.34 21.79
N ILE A 361 4.78 -0.03 21.78
CA ILE A 361 3.90 -0.25 22.94
C ILE A 361 3.64 -1.73 23.15
N LEU A 362 3.45 -2.48 22.06
CA LEU A 362 3.23 -3.92 22.13
C LEU A 362 4.49 -4.58 22.70
N ASP A 363 5.65 -4.03 22.34
CA ASP A 363 6.95 -4.52 22.81
C ASP A 363 7.09 -4.23 24.31
N GLU A 364 6.73 -3.01 24.71
CA GLU A 364 6.80 -2.58 26.11
C GLU A 364 5.87 -3.43 26.97
N MET A 365 4.67 -3.71 26.46
CA MET A 365 3.68 -4.50 27.17
C MET A 365 4.13 -5.94 27.42
N ARG A 366 4.62 -6.62 26.37
CA ARG A 366 5.08 -8.00 26.52
C ARG A 366 6.33 -8.14 27.38
N ARG A 367 7.20 -7.13 27.32
CA ARG A 367 8.44 -7.10 28.10
C ARG A 367 8.17 -6.86 29.58
N LYS A 368 7.27 -5.91 29.87
CA LYS A 368 6.92 -5.60 31.27
C LYS A 368 6.14 -6.75 31.91
N SER A 369 5.32 -7.43 31.09
CA SER A 369 4.52 -8.56 31.56
C SER A 369 5.40 -9.74 31.94
N ALA A 370 6.43 -9.99 31.13
CA ALA A 370 7.38 -11.08 31.38
C ALA A 370 8.26 -10.72 32.58
N ALA A 371 8.63 -9.44 32.68
CA ALA A 371 9.49 -8.94 33.76
C ALA A 371 8.83 -9.01 35.14
N LYS A 372 7.50 -8.90 35.17
CA LYS A 372 6.75 -8.97 36.42
C LYS A 372 6.21 -10.36 36.73
N GLY A 373 6.51 -11.31 35.85
CA GLY A 373 6.08 -12.69 36.01
C GLY A 373 4.58 -12.89 35.85
N LEU A 374 3.96 -12.10 34.97
CA LEU A 374 2.52 -12.20 34.74
C LEU A 374 2.12 -13.43 33.93
N GLU A 375 0.82 -13.70 33.94
CA GLU A 375 0.22 -14.86 33.29
C GLU A 375 0.26 -14.88 31.78
N THR A 376 0.11 -13.71 31.16
CA THR A 376 0.11 -13.57 29.71
C THR A 376 0.93 -12.35 29.27
N TYR A 377 1.20 -12.26 27.97
CA TYR A 377 1.95 -11.15 27.38
C TYR A 377 1.14 -9.86 27.40
N GLY A 378 -0.18 -10.01 27.46
CA GLY A 378 -1.08 -8.87 27.50
C GLY A 378 -1.50 -8.49 28.90
N GLU A 379 -0.52 -8.15 29.73
CA GLU A 379 -0.72 -7.72 31.13
C GLU A 379 -1.47 -8.71 32.02
N GLY A 380 -1.32 -10.00 31.73
CA GLY A 380 -1.98 -11.05 32.49
C GLY A 380 -3.42 -11.29 32.06
N LEU A 381 -3.88 -10.52 31.07
CA LEU A 381 -5.24 -10.62 30.54
C LEU A 381 -5.26 -11.38 29.21
N GLU A 382 -6.43 -11.90 28.87
CA GLU A 382 -6.60 -12.70 27.65
C GLU A 382 -6.92 -11.93 26.36
N TRP A 383 -7.86 -10.99 26.45
CA TRP A 383 -8.29 -10.21 25.28
C TRP A 383 -7.91 -8.75 25.33
N GLY A 384 -7.59 -8.18 24.17
CA GLY A 384 -7.20 -6.79 24.11
C GLY A 384 -7.34 -6.16 22.75
N VAL A 385 -7.14 -4.85 22.68
CA VAL A 385 -7.28 -4.12 21.42
C VAL A 385 -6.13 -3.15 21.14
N LEU A 386 -5.68 -3.17 19.90
CA LEU A 386 -4.65 -2.26 19.40
C LEU A 386 -5.42 -1.26 18.55
N LEU A 387 -5.20 0.03 18.80
CA LEU A 387 -5.90 1.08 18.08
C LEU A 387 -4.99 2.07 17.38
N GLY A 388 -5.33 2.35 16.12
CA GLY A 388 -4.59 3.32 15.33
C GLY A 388 -5.56 4.45 15.03
N PHE A 389 -5.11 5.71 15.11
CA PHE A 389 -5.97 6.88 14.84
C PHE A 389 -5.23 7.81 13.90
N GLY A 390 -5.91 8.29 12.86
CA GLY A 390 -5.25 9.21 11.94
C GLY A 390 -6.15 9.89 10.92
N PRO A 391 -5.57 10.39 9.80
CA PRO A 391 -6.29 11.08 8.72
C PRO A 391 -7.58 10.43 8.21
N GLY A 392 -8.66 11.20 8.20
CA GLY A 392 -9.95 10.69 7.75
C GLY A 392 -11.18 11.35 8.35
N ILE A 393 -11.46 11.24 9.66
CA ILE A 393 -10.68 10.49 10.65
C ILE A 393 -10.89 8.99 10.48
N THR A 394 -9.77 8.28 10.51
CA THR A 394 -9.77 6.84 10.35
C THR A 394 -9.27 6.17 11.61
N VAL A 395 -9.98 5.11 12.02
CA VAL A 395 -9.65 4.32 13.19
C VAL A 395 -9.39 2.89 12.73
N GLU A 396 -8.26 2.33 13.15
CA GLU A 396 -7.92 0.94 12.85
C GLU A 396 -8.12 0.22 14.17
N THR A 397 -9.03 -0.74 14.19
CA THR A 397 -9.34 -1.50 15.40
C THR A 397 -8.88 -2.93 15.21
N ILE A 398 -7.87 -3.32 16.00
CA ILE A 398 -7.26 -4.65 15.93
C ILE A 398 -7.53 -5.44 17.22
N LEU A 399 -8.35 -6.48 17.12
CA LEU A 399 -8.69 -7.33 18.26
C LEU A 399 -7.62 -8.41 18.43
N LEU A 400 -7.02 -8.44 19.62
CA LEU A 400 -5.95 -9.37 19.95
C LEU A 400 -6.27 -10.33 21.10
N HIS A 401 -5.72 -11.54 20.99
CA HIS A 401 -5.86 -12.54 22.03
C HIS A 401 -4.43 -12.88 22.45
N SER A 402 -4.11 -12.65 23.72
CA SER A 402 -2.79 -12.94 24.26
C SER A 402 -2.66 -14.38 24.72
N LEU A 403 -1.52 -14.96 24.40
CA LEU A 403 -1.20 -16.33 24.77
C LEU A 403 -0.48 -16.33 26.12
N PRO A 404 -0.50 -17.47 26.87
CA PRO A 404 0.20 -17.49 28.17
C PRO A 404 1.73 -17.48 28.14
N LEU A 405 2.32 -17.00 29.23
CA LEU A 405 3.78 -16.94 29.41
C LEU A 405 4.30 -18.36 29.73
N LEU B 11 -16.37 -13.33 27.65
CA LEU B 11 -15.19 -13.50 26.76
C LEU B 11 -14.83 -14.98 26.60
N PRO B 12 -14.64 -15.46 25.36
CA PRO B 12 -14.29 -16.87 25.10
C PRO B 12 -12.89 -17.30 25.54
N LEU B 13 -12.73 -18.61 25.71
CA LEU B 13 -11.48 -19.22 26.15
C LEU B 13 -10.44 -19.37 25.04
N MET B 14 -9.24 -19.82 25.42
CA MET B 14 -8.10 -20.04 24.53
C MET B 14 -8.41 -21.08 23.44
N GLU B 15 -9.24 -22.06 23.79
CA GLU B 15 -9.66 -23.15 22.90
C GLU B 15 -10.72 -22.74 21.86
N ASP B 16 -11.30 -21.55 22.04
CA ASP B 16 -12.35 -21.04 21.14
C ASP B 16 -11.83 -20.15 20.01
N VAL B 17 -10.56 -19.75 20.09
CA VAL B 17 -9.92 -18.88 19.09
C VAL B 17 -9.89 -19.51 17.68
N GLN B 18 -9.66 -20.83 17.63
CA GLN B 18 -9.64 -21.55 16.35
C GLN B 18 -11.03 -21.67 15.72
N GLY B 19 -12.06 -21.75 16.56
CA GLY B 19 -13.45 -21.82 16.10
C GLY B 19 -13.86 -20.52 15.42
N ILE B 20 -13.35 -19.41 15.95
CA ILE B 20 -13.60 -18.07 15.42
C ILE B 20 -12.93 -17.96 14.04
N ARG B 21 -11.71 -18.49 13.93
CA ARG B 21 -10.95 -18.49 12.68
C ARG B 21 -11.63 -19.32 11.59
N LYS B 22 -12.15 -20.48 11.97
CA LYS B 22 -12.85 -21.40 11.07
C LYS B 22 -14.11 -20.74 10.47
N ALA B 23 -14.84 -20.02 11.32
CA ALA B 23 -16.06 -19.32 10.91
C ALA B 23 -15.80 -18.05 10.11
N GLN B 24 -14.64 -17.43 10.33
CA GLN B 24 -14.24 -16.20 9.65
C GLN B 24 -13.72 -16.36 8.22
N LYS B 25 -13.00 -17.45 7.95
CA LYS B 25 -12.42 -17.69 6.63
C LYS B 25 -13.40 -18.19 5.55
N ALA B 26 -13.10 -17.86 4.30
CA ALA B 26 -13.91 -18.30 3.15
C ALA B 26 -13.49 -19.70 2.74
N ASP B 27 -14.33 -20.37 1.96
CA ASP B 27 -14.05 -21.74 1.51
C ASP B 27 -13.22 -21.85 0.25
N GLY B 28 -13.71 -21.22 -0.82
CA GLY B 28 -13.07 -21.29 -2.13
C GLY B 28 -12.09 -20.22 -2.55
N THR B 29 -11.71 -20.32 -3.82
CA THR B 29 -10.76 -19.43 -4.47
C THR B 29 -11.36 -18.09 -4.86
N ALA B 30 -10.55 -17.03 -4.71
CA ALA B 30 -10.94 -15.65 -5.05
C ALA B 30 -11.28 -15.61 -6.53
N THR B 31 -12.44 -15.08 -6.85
CA THR B 31 -12.91 -15.05 -8.22
C THR B 31 -13.36 -13.68 -8.73
N VAL B 32 -12.94 -13.35 -9.95
CA VAL B 32 -13.31 -12.11 -10.62
C VAL B 32 -14.75 -12.32 -11.12
N MET B 33 -15.65 -11.45 -10.68
CA MET B 33 -17.06 -11.55 -11.06
C MET B 33 -17.66 -10.34 -11.76
N ALA B 34 -16.85 -9.30 -11.95
CA ALA B 34 -17.27 -8.07 -12.65
C ALA B 34 -16.07 -7.22 -12.98
N ILE B 35 -16.10 -6.59 -14.15
CA ILE B 35 -15.02 -5.69 -14.62
C ILE B 35 -15.66 -4.46 -15.26
N GLY B 36 -15.22 -3.28 -14.81
CA GLY B 36 -15.71 -2.03 -15.34
C GLY B 36 -14.53 -1.16 -15.69
N THR B 37 -14.64 -0.38 -16.76
CA THR B 37 -13.56 0.50 -17.20
C THR B 37 -14.01 1.92 -17.50
N ALA B 38 -13.08 2.86 -17.43
CA ALA B 38 -13.35 4.27 -17.71
C ALA B 38 -12.09 5.00 -18.15
N HIS B 39 -12.29 6.08 -18.90
CA HIS B 39 -11.20 6.91 -19.39
C HIS B 39 -11.72 8.34 -19.55
N PRO B 40 -10.83 9.35 -19.49
CA PRO B 40 -11.26 10.75 -19.64
C PRO B 40 -11.72 11.01 -21.10
N PRO B 41 -12.46 12.11 -21.35
CA PRO B 41 -12.96 12.43 -22.70
C PRO B 41 -12.09 12.91 -23.86
N HIS B 42 -10.93 13.52 -23.57
CA HIS B 42 -10.08 14.07 -24.63
C HIS B 42 -9.23 13.06 -25.40
N ILE B 43 -9.60 12.87 -26.67
CA ILE B 43 -8.94 11.91 -27.58
C ILE B 43 -7.72 12.55 -28.25
N PHE B 44 -6.58 11.87 -28.12
CA PHE B 44 -5.32 12.31 -28.73
C PHE B 44 -4.83 11.21 -29.68
N PRO B 45 -5.07 11.35 -31.01
CA PRO B 45 -4.61 10.34 -31.97
C PRO B 45 -3.07 10.32 -32.00
N GLN B 46 -2.47 9.15 -32.17
CA GLN B 46 -1.01 9.03 -32.18
C GLN B 46 -0.31 9.60 -33.40
N ASP B 47 -1.00 9.64 -34.54
CA ASP B 47 -0.45 10.16 -35.79
C ASP B 47 -0.10 11.65 -35.69
N THR B 48 -0.89 12.38 -34.91
CA THR B 48 -0.72 13.82 -34.72
C THR B 48 -0.08 14.18 -33.38
N TYR B 49 0.29 13.17 -32.58
CA TYR B 49 0.87 13.41 -31.25
C TYR B 49 2.16 14.23 -31.21
N ALA B 50 3.05 14.02 -32.19
CA ALA B 50 4.31 14.76 -32.26
C ALA B 50 4.05 16.26 -32.42
N ASP B 51 3.06 16.60 -33.26
CA ASP B 51 2.65 17.99 -33.50
C ASP B 51 2.04 18.64 -32.26
N VAL B 52 1.12 17.92 -31.62
CA VAL B 52 0.41 18.38 -30.43
C VAL B 52 1.32 18.57 -29.21
N TYR B 53 2.16 17.57 -28.95
CA TYR B 53 3.11 17.59 -27.83
C TYR B 53 4.17 18.69 -27.94
N PHE B 54 4.80 18.80 -29.10
CA PHE B 54 5.83 19.83 -29.33
C PHE B 54 5.30 21.26 -29.38
N ARG B 55 4.01 21.42 -29.73
CA ARG B 55 3.37 22.72 -29.79
C ARG B 55 2.94 23.16 -28.38
N ALA B 56 2.36 22.22 -27.63
CA ALA B 56 1.89 22.46 -26.27
C ALA B 56 3.03 22.73 -25.29
N THR B 57 4.21 22.19 -25.60
CA THR B 57 5.40 22.37 -24.76
C THR B 57 6.37 23.42 -25.31
N ASN B 58 5.93 24.16 -26.33
CA ASN B 58 6.69 25.23 -27.01
C ASN B 58 8.13 24.82 -27.38
N SER B 59 8.24 23.61 -27.94
CA SER B 59 9.51 23.03 -28.35
C SER B 59 9.60 22.81 -29.86
N GLU B 60 8.89 23.64 -30.62
CA GLU B 60 8.86 23.57 -32.08
C GLU B 60 10.19 23.88 -32.78
N HIS B 61 11.13 24.46 -32.02
CA HIS B 61 12.46 24.80 -32.54
C HIS B 61 13.42 23.60 -32.53
N LYS B 62 13.06 22.57 -31.77
CA LYS B 62 13.83 21.33 -31.67
C LYS B 62 13.36 20.37 -32.77
N VAL B 63 13.71 20.71 -34.00
CA VAL B 63 13.35 19.97 -35.23
C VAL B 63 13.93 18.56 -35.29
N GLU B 64 15.19 18.41 -34.92
CA GLU B 64 15.90 17.12 -34.93
C GLU B 64 15.35 16.13 -33.90
N LEU B 65 14.88 16.66 -32.77
CA LEU B 65 14.30 15.86 -31.69
C LEU B 65 12.86 15.46 -32.02
N LYS B 66 12.17 16.30 -32.81
CA LYS B 66 10.80 16.05 -33.23
C LYS B 66 10.73 14.91 -34.24
N LYS B 67 11.76 14.83 -35.09
CA LYS B 67 11.88 13.79 -36.12
C LYS B 67 12.07 12.43 -35.44
N LYS B 68 12.86 12.43 -34.37
CA LYS B 68 13.14 11.23 -33.58
C LYS B 68 11.91 10.76 -32.80
N PHE B 69 11.18 11.74 -32.24
CA PHE B 69 9.97 11.47 -31.45
C PHE B 69 8.82 10.94 -32.32
N ASP B 70 8.67 11.50 -33.52
CA ASP B 70 7.62 11.09 -34.46
C ASP B 70 7.83 9.63 -34.91
N HIS B 71 9.11 9.25 -35.04
CA HIS B 71 9.51 7.90 -35.43
C HIS B 71 9.17 6.91 -34.30
N ILE B 72 9.41 7.32 -33.06
CA ILE B 72 9.11 6.51 -31.87
C ILE B 72 7.60 6.31 -31.75
N CYS B 73 6.84 7.38 -32.02
CA CYS B 73 5.36 7.34 -31.97
C CYS B 73 4.77 6.36 -33.00
N LYS B 74 5.42 6.27 -34.16
CA LYS B 74 5.00 5.35 -35.23
C LYS B 74 5.31 3.90 -34.88
N LYS B 75 6.36 3.71 -34.07
CA LYS B 75 6.80 2.38 -33.62
C LYS B 75 6.05 1.86 -32.39
N THR B 76 5.36 2.74 -31.67
CA THR B 76 4.63 2.36 -30.45
C THR B 76 3.45 1.41 -30.60
N MET B 77 2.84 1.40 -31.79
CA MET B 77 1.65 0.61 -32.09
C MET B 77 0.47 0.99 -31.19
N ILE B 78 0.42 2.30 -30.90
CA ILE B 78 -0.64 2.92 -30.12
C ILE B 78 -1.32 3.79 -31.16
N GLY B 79 -2.65 3.71 -31.23
CA GLY B 79 -3.39 4.51 -32.21
C GLY B 79 -3.96 5.78 -31.63
N LYS B 80 -4.36 5.71 -30.37
CA LYS B 80 -4.94 6.84 -29.65
C LYS B 80 -4.84 6.63 -28.14
N ARG B 81 -4.91 7.74 -27.42
CA ARG B 81 -4.87 7.76 -25.96
C ARG B 81 -5.87 8.81 -25.50
N TYR B 82 -6.31 8.67 -24.25
CA TYR B 82 -7.28 9.56 -23.64
C TYR B 82 -6.66 10.30 -22.47
N PHE B 83 -6.93 11.60 -22.38
CA PHE B 83 -6.39 12.45 -21.31
C PHE B 83 -7.45 13.36 -20.70
N ASN B 84 -7.21 13.78 -19.45
CA ASN B 84 -8.14 14.67 -18.72
C ASN B 84 -7.90 16.15 -19.05
N TYR B 85 -7.03 16.35 -20.04
CA TYR B 85 -6.65 17.67 -20.51
C TYR B 85 -6.65 17.75 -22.03
N ASP B 86 -6.78 18.97 -22.53
CA ASP B 86 -6.69 19.27 -23.96
C ASP B 86 -5.64 20.38 -24.05
N GLU B 87 -5.42 20.93 -25.25
CA GLU B 87 -4.43 22.01 -25.41
C GLU B 87 -4.78 23.30 -24.66
N GLU B 88 -6.08 23.57 -24.54
CA GLU B 88 -6.60 24.76 -23.85
C GLU B 88 -6.34 24.67 -22.34
N PHE B 89 -6.48 23.47 -21.77
CA PHE B 89 -6.25 23.21 -20.34
C PHE B 89 -4.78 23.42 -19.99
N LEU B 90 -3.90 22.94 -20.87
CA LEU B 90 -2.45 23.05 -20.67
C LEU B 90 -1.88 24.46 -20.65
N LYS B 91 -2.60 25.40 -21.30
CA LYS B 91 -2.20 26.81 -21.36
C LYS B 91 -2.30 27.51 -20.00
N LYS B 92 -3.11 26.93 -19.10
CA LYS B 92 -3.31 27.45 -17.74
C LYS B 92 -2.15 27.03 -16.84
N TYR B 93 -1.38 26.04 -17.30
CA TYR B 93 -0.24 25.50 -16.56
C TYR B 93 1.08 25.51 -17.36
N PRO B 94 1.72 26.69 -17.53
CA PRO B 94 2.99 26.76 -18.29
C PRO B 94 4.17 26.06 -17.61
N ASN B 95 4.03 25.83 -16.31
CA ASN B 95 5.03 25.16 -15.49
C ASN B 95 5.06 23.64 -15.74
N ILE B 96 3.88 23.06 -16.01
CA ILE B 96 3.76 21.63 -16.30
C ILE B 96 4.29 21.33 -17.71
N THR B 97 4.09 22.28 -18.63
CA THR B 97 4.53 22.12 -20.02
C THR B 97 6.00 22.51 -20.28
N SER B 98 6.71 22.89 -19.22
CA SER B 98 8.13 23.24 -19.32
C SER B 98 8.90 21.96 -18.98
N TYR B 99 10.23 22.04 -18.88
CA TYR B 99 11.01 20.85 -18.52
C TYR B 99 11.21 20.71 -17.01
N ASP B 100 11.82 21.72 -16.38
CA ASP B 100 12.12 21.66 -14.95
C ASP B 100 11.65 22.80 -14.02
N GLU B 101 10.57 23.48 -14.37
CA GLU B 101 10.02 24.55 -13.52
C GLU B 101 9.21 23.88 -12.40
N PRO B 102 9.09 24.51 -11.20
CA PRO B 102 8.31 23.91 -10.10
C PRO B 102 6.88 23.61 -10.53
N SER B 103 6.48 22.35 -10.40
CA SER B 103 5.14 21.93 -10.85
C SER B 103 4.39 20.89 -10.03
N LEU B 104 4.99 20.34 -8.98
CA LEU B 104 4.34 19.31 -8.18
C LEU B 104 2.99 19.74 -7.57
N ASN B 105 2.94 20.95 -7.02
CA ASN B 105 1.71 21.49 -6.40
C ASN B 105 0.51 21.47 -7.34
N ASP B 106 0.73 21.92 -8.57
CA ASP B 106 -0.31 21.96 -9.60
C ASP B 106 -0.72 20.55 -10.06
N ARG B 107 0.27 19.66 -10.16
CA ARG B 107 0.03 18.27 -10.56
C ARG B 107 -0.78 17.54 -9.47
N GLN B 108 -0.46 17.84 -8.21
CA GLN B 108 -1.18 17.26 -7.06
C GLN B 108 -2.61 17.77 -7.00
N ASP B 109 -2.80 19.07 -7.26
CA ASP B 109 -4.13 19.69 -7.25
C ASP B 109 -5.08 19.09 -8.30
N ILE B 110 -4.50 18.51 -9.35
CA ILE B 110 -5.26 17.87 -10.43
C ILE B 110 -5.44 16.37 -10.12
N CYS B 111 -4.34 15.71 -9.77
CA CYS B 111 -4.33 14.27 -9.51
C CYS B 111 -4.95 13.77 -8.21
N VAL B 112 -4.78 14.53 -7.11
CA VAL B 112 -5.36 14.14 -5.82
C VAL B 112 -6.90 13.98 -5.90
N PRO B 113 -7.64 14.96 -6.49
CA PRO B 113 -9.09 14.70 -6.55
C PRO B 113 -9.50 13.98 -7.85
N GLY B 114 -8.70 14.16 -8.90
CA GLY B 114 -8.99 13.58 -10.21
C GLY B 114 -8.87 12.08 -10.36
N VAL B 115 -7.85 11.49 -9.73
CA VAL B 115 -7.64 10.04 -9.80
C VAL B 115 -8.80 9.27 -9.13
N PRO B 116 -9.21 9.63 -7.88
CA PRO B 116 -10.32 8.86 -7.33
C PRO B 116 -11.66 9.11 -8.05
N ALA B 117 -11.78 10.26 -8.72
CA ALA B 117 -12.97 10.60 -9.49
C ALA B 117 -13.08 9.69 -10.71
N LEU B 118 -11.94 9.50 -11.41
CA LEU B 118 -11.88 8.63 -12.58
C LEU B 118 -12.04 7.17 -12.16
N GLY B 119 -11.42 6.83 -11.03
CA GLY B 119 -11.51 5.48 -10.51
C GLY B 119 -12.94 5.09 -10.14
N THR B 120 -13.67 6.05 -9.59
CA THR B 120 -15.06 5.88 -9.18
C THR B 120 -15.96 5.60 -10.39
N GLU B 121 -15.65 6.22 -11.54
CA GLU B 121 -16.42 6.00 -12.77
C GLU B 121 -16.33 4.54 -13.22
N ALA B 122 -15.13 3.96 -13.10
CA ALA B 122 -14.89 2.55 -13.45
C ALA B 122 -15.56 1.65 -12.43
N ALA B 123 -15.50 2.04 -11.16
CA ALA B 123 -16.10 1.29 -10.05
C ALA B 123 -17.60 1.20 -10.18
N VAL B 124 -18.23 2.30 -10.60
CA VAL B 124 -19.67 2.36 -10.81
C VAL B 124 -20.11 1.32 -11.85
N LYS B 125 -19.34 1.20 -12.94
CA LYS B 125 -19.63 0.23 -14.00
C LYS B 125 -19.44 -1.22 -13.55
N ALA B 126 -18.43 -1.46 -12.71
CA ALA B 126 -18.15 -2.79 -12.18
C ALA B 126 -19.25 -3.24 -11.21
N ILE B 127 -19.65 -2.33 -10.31
CA ILE B 127 -20.69 -2.63 -9.32
C ILE B 127 -22.05 -2.83 -10.00
N GLU B 128 -22.33 -2.07 -11.06
CA GLU B 128 -23.59 -2.19 -11.81
C GLU B 128 -23.69 -3.54 -12.53
N GLU B 129 -22.56 -4.01 -13.08
CA GLU B 129 -22.51 -5.31 -13.78
C GLU B 129 -22.70 -6.44 -12.76
N TRP B 130 -22.04 -6.29 -11.61
CA TRP B 130 -22.09 -7.25 -10.49
C TRP B 130 -23.54 -7.44 -10.03
N GLY B 131 -24.28 -6.33 -9.96
CA GLY B 131 -25.70 -6.37 -9.62
C GLY B 131 -26.13 -6.42 -8.17
N ARG B 132 -25.19 -6.58 -7.25
CA ARG B 132 -25.50 -6.64 -5.82
C ARG B 132 -25.35 -5.24 -5.21
N PRO B 133 -26.00 -4.96 -4.05
CA PRO B 133 -25.89 -3.63 -3.42
C PRO B 133 -24.47 -3.27 -3.01
N LYS B 134 -24.13 -1.98 -3.08
CA LYS B 134 -22.81 -1.49 -2.71
C LYS B 134 -22.50 -1.72 -1.22
N SER B 135 -23.56 -1.99 -0.45
CA SER B 135 -23.47 -2.27 0.99
C SER B 135 -22.76 -3.60 1.26
N GLU B 136 -22.70 -4.43 0.21
CA GLU B 136 -22.06 -5.74 0.31
C GLU B 136 -20.56 -5.72 0.01
N ILE B 137 -20.03 -4.54 -0.31
CA ILE B 137 -18.60 -4.37 -0.56
C ILE B 137 -17.98 -4.23 0.83
N THR B 138 -17.04 -5.11 1.14
CA THR B 138 -16.40 -5.15 2.45
C THR B 138 -14.95 -4.65 2.43
N HIS B 139 -14.32 -4.75 1.26
CA HIS B 139 -12.93 -4.35 1.07
C HIS B 139 -12.77 -3.50 -0.19
N LEU B 140 -11.88 -2.50 -0.11
CA LEU B 140 -11.58 -1.64 -1.25
C LEU B 140 -10.07 -1.55 -1.41
N VAL B 141 -9.60 -1.91 -2.61
CA VAL B 141 -8.19 -1.87 -2.97
C VAL B 141 -8.08 -0.81 -4.06
N PHE B 142 -7.48 0.33 -3.71
CA PHE B 142 -7.29 1.41 -4.67
C PHE B 142 -5.82 1.46 -5.04
N CYS B 143 -5.59 1.66 -6.33
CA CYS B 143 -4.24 1.69 -6.90
C CYS B 143 -3.97 2.84 -7.85
N THR B 144 -2.87 3.55 -7.60
CA THR B 144 -2.43 4.67 -8.45
C THR B 144 -0.99 5.10 -8.23
N SER B 145 -0.36 5.56 -9.30
CA SER B 145 1.01 6.08 -9.28
C SER B 145 0.97 7.57 -9.55
N CYS B 146 -0.24 8.13 -9.58
CA CYS B 146 -0.45 9.54 -9.87
C CYS B 146 -1.11 10.31 -8.74
N GLY B 147 -0.27 10.90 -7.89
CA GLY B 147 -0.76 11.67 -6.76
C GLY B 147 -0.79 10.91 -5.45
N VAL B 148 -0.43 11.61 -4.37
CA VAL B 148 -0.42 11.06 -3.01
C VAL B 148 -1.01 12.12 -2.05
N ASP B 149 -1.79 11.68 -1.06
CA ASP B 149 -2.43 12.59 -0.10
C ASP B 149 -2.86 11.86 1.18
N MET B 150 -3.09 12.62 2.25
N MET B 150 -3.10 12.63 2.25
CA MET B 150 -3.55 12.09 3.54
CA MET B 150 -3.54 12.09 3.55
C MET B 150 -4.78 12.89 4.01
C MET B 150 -4.77 12.90 4.01
N PRO B 151 -5.97 12.26 4.07
CA PRO B 151 -6.35 10.86 3.76
C PRO B 151 -6.27 10.53 2.26
N SER B 152 -5.78 9.32 2.02
CA SER B 152 -5.50 8.81 0.69
C SER B 152 -6.61 8.61 -0.34
N ALA B 153 -6.20 8.23 -1.55
CA ALA B 153 -7.12 8.03 -2.68
C ALA B 153 -8.20 6.98 -2.45
N ASP B 154 -7.90 5.99 -1.59
CA ASP B 154 -8.85 4.93 -1.23
C ASP B 154 -10.01 5.50 -0.44
N PHE B 155 -9.68 6.45 0.46
CA PHE B 155 -10.66 7.15 1.29
C PHE B 155 -11.59 7.94 0.39
N GLN B 156 -11.00 8.66 -0.56
CA GLN B 156 -11.75 9.50 -1.48
C GLN B 156 -12.69 8.72 -2.39
N CYS B 157 -12.23 7.56 -2.85
CA CYS B 157 -13.03 6.68 -3.71
C CYS B 157 -14.22 6.10 -2.94
N ALA B 158 -13.97 5.63 -1.71
CA ALA B 158 -15.02 5.08 -0.85
C ALA B 158 -16.08 6.13 -0.52
N LYS B 159 -15.62 7.37 -0.32
CA LYS B 159 -16.48 8.52 -0.02
C LYS B 159 -17.38 8.86 -1.21
N LEU B 160 -16.79 8.89 -2.41
CA LEU B 160 -17.51 9.21 -3.65
C LEU B 160 -18.55 8.14 -4.01
N LEU B 161 -18.23 6.88 -3.72
CA LEU B 161 -19.12 5.75 -3.96
C LEU B 161 -20.16 5.61 -2.87
N GLY B 162 -19.87 6.23 -1.72
CA GLY B 162 -20.77 6.19 -0.58
C GLY B 162 -20.83 4.83 0.11
N LEU B 163 -19.68 4.18 0.23
CA LEU B 163 -19.58 2.87 0.86
C LEU B 163 -19.71 2.95 2.37
N HIS B 164 -19.86 1.78 3.02
CA HIS B 164 -19.95 1.71 4.48
C HIS B 164 -18.70 2.26 5.15
N ALA B 165 -18.87 2.82 6.34
CA ALA B 165 -17.78 3.42 7.11
C ALA B 165 -16.69 2.43 7.49
N ASN B 166 -17.08 1.17 7.68
CA ASN B 166 -16.14 0.13 8.08
C ASN B 166 -15.57 -0.79 7.00
N VAL B 167 -15.53 -0.28 5.77
CA VAL B 167 -14.95 -1.02 4.64
C VAL B 167 -13.43 -1.00 4.86
N ASN B 168 -12.80 -2.17 4.78
CA ASN B 168 -11.35 -2.28 4.95
C ASN B 168 -10.69 -1.80 3.65
N LYS B 169 -9.95 -0.70 3.75
CA LYS B 169 -9.32 -0.10 2.59
C LYS B 169 -7.81 -0.31 2.49
N TYR B 170 -7.34 -0.42 1.26
CA TYR B 170 -5.94 -0.69 0.93
C TYR B 170 -5.53 0.30 -0.16
N CYS B 171 -4.55 1.15 0.15
CA CYS B 171 -4.06 2.13 -0.81
C CYS B 171 -2.70 1.71 -1.35
N ILE B 172 -2.68 1.37 -2.64
CA ILE B 172 -1.47 0.94 -3.32
C ILE B 172 -0.91 2.13 -4.10
N TYR B 173 0.01 2.84 -3.47
CA TYR B 173 0.64 4.01 -4.06
C TYR B 173 1.98 3.72 -4.68
N MET B 174 2.19 4.33 -5.84
CA MET B 174 3.43 4.27 -6.58
C MET B 174 4.10 2.91 -6.81
N GLN B 175 3.31 1.97 -7.33
CA GLN B 175 3.79 0.63 -7.64
C GLN B 175 3.91 0.45 -9.16
N GLY B 176 3.79 1.56 -9.87
CA GLY B 176 3.94 1.58 -11.32
C GLY B 176 3.19 0.62 -12.20
N TYR B 178 3.56 -2.56 -12.68
CA TYR B 178 3.31 -3.93 -12.21
C TYR B 178 2.10 -3.97 -11.29
N ALA B 179 1.62 -2.79 -10.90
CA ALA B 179 0.50 -2.61 -9.98
C ALA B 179 -0.84 -3.26 -10.32
N GLY B 180 -1.08 -3.48 -11.60
CA GLY B 180 -2.31 -4.15 -12.05
C GLY B 180 -2.28 -5.61 -11.65
N GLY B 181 -1.07 -6.13 -11.42
CA GLY B 181 -0.89 -7.49 -10.97
C GLY B 181 -0.96 -7.50 -9.45
N THR B 182 -0.38 -6.47 -8.83
CA THR B 182 -0.35 -6.32 -7.36
C THR B 182 -1.76 -6.32 -6.75
N VAL B 183 -2.69 -5.66 -7.41
CA VAL B 183 -4.08 -5.59 -6.92
C VAL B 183 -4.76 -6.96 -6.86
N MET B 184 -4.39 -7.85 -7.78
CA MET B 184 -4.93 -9.21 -7.84
C MET B 184 -4.36 -10.02 -6.68
N ARG B 185 -3.09 -9.75 -6.36
CA ARG B 185 -2.38 -10.41 -5.25
C ARG B 185 -3.00 -10.02 -3.91
N TYR B 186 -3.33 -8.74 -3.76
CA TYR B 186 -3.99 -8.22 -2.56
C TYR B 186 -5.38 -8.83 -2.45
N ALA B 187 -6.17 -8.69 -3.52
CA ALA B 187 -7.55 -9.18 -3.56
C ALA B 187 -7.72 -10.65 -3.26
N LYS B 188 -6.74 -11.46 -3.68
CA LYS B 188 -6.75 -12.90 -3.46
C LYS B 188 -6.82 -13.26 -1.97
N ASP B 189 -5.90 -12.68 -1.20
CA ASP B 189 -5.82 -12.93 0.25
C ASP B 189 -6.99 -12.33 1.03
N LEU B 190 -7.47 -11.17 0.60
CA LEU B 190 -8.60 -10.50 1.27
C LEU B 190 -9.91 -11.24 1.11
N ALA B 191 -10.17 -11.70 -0.12
CA ALA B 191 -11.40 -12.43 -0.43
C ALA B 191 -11.41 -13.83 0.17
N GLU B 192 -10.28 -14.53 0.04
CA GLU B 192 -10.15 -15.90 0.55
C GLU B 192 -10.09 -16.07 2.06
N ASN B 193 -9.59 -15.06 2.76
CA ASN B 193 -9.47 -15.16 4.21
C ASN B 193 -10.68 -14.63 4.96
N ASN B 194 -11.66 -14.10 4.22
CA ASN B 194 -12.86 -13.52 4.85
C ASN B 194 -14.16 -13.98 4.20
N ARG B 195 -14.91 -14.80 4.95
CA ARG B 195 -16.20 -15.33 4.50
C ARG B 195 -17.19 -14.23 4.16
N GLY B 196 -17.71 -14.30 2.94
CA GLY B 196 -18.68 -13.33 2.45
C GLY B 196 -18.07 -12.04 1.93
N ALA B 197 -16.74 -11.89 2.04
CA ALA B 197 -16.06 -10.68 1.58
C ALA B 197 -16.12 -10.46 0.08
N ARG B 198 -16.40 -9.21 -0.29
CA ARG B 198 -16.47 -8.81 -1.68
C ARG B 198 -15.53 -7.61 -1.80
N VAL B 199 -14.45 -7.83 -2.56
CA VAL B 199 -13.40 -6.84 -2.76
C VAL B 199 -13.56 -6.02 -4.03
N LEU B 200 -13.62 -4.70 -3.87
CA LEU B 200 -13.70 -3.81 -5.02
C LEU B 200 -12.26 -3.36 -5.26
N VAL B 201 -11.77 -3.65 -6.45
CA VAL B 201 -10.42 -3.29 -6.87
C VAL B 201 -10.55 -2.13 -7.85
N VAL B 202 -9.79 -1.06 -7.63
CA VAL B 202 -9.82 0.09 -8.52
C VAL B 202 -8.41 0.55 -8.86
N CYS B 203 -8.11 0.60 -10.15
CA CYS B 203 -6.81 1.04 -10.66
C CYS B 203 -7.10 2.28 -11.50
N ALA B 204 -6.51 3.42 -11.13
CA ALA B 204 -6.77 4.67 -11.86
C ALA B 204 -5.51 5.50 -12.01
N GLU B 205 -5.31 6.07 -13.20
CA GLU B 205 -4.11 6.87 -13.47
C GLU B 205 -4.36 8.12 -14.30
N LEU B 206 -3.75 9.22 -13.88
CA LEU B 206 -3.81 10.50 -14.61
C LEU B 206 -2.35 10.88 -14.83
N THR B 207 -1.89 10.59 -16.05
CA THR B 207 -0.50 10.79 -16.47
C THR B 207 0.09 12.20 -16.50
N ILE B 208 -0.72 13.22 -16.24
CA ILE B 208 -0.27 14.62 -16.22
C ILE B 208 0.80 14.81 -15.10
N MET B 209 0.88 13.83 -14.20
CA MET B 209 1.85 13.84 -13.10
C MET B 209 3.30 13.68 -13.64
N GLY B 210 3.42 13.14 -14.85
CA GLY B 210 4.72 12.93 -15.48
C GLY B 210 4.97 13.71 -16.76
N LEU B 211 3.99 14.49 -17.19
CA LEU B 211 4.09 15.28 -18.43
C LEU B 211 5.06 16.46 -18.32
N ARG B 212 5.96 16.59 -19.29
CA ARG B 212 6.94 17.68 -19.35
C ARG B 212 7.49 17.84 -20.76
N ALA B 213 8.27 18.90 -20.96
CA ALA B 213 8.88 19.21 -22.25
C ALA B 213 9.99 18.21 -22.61
N PRO B 214 10.20 17.96 -23.93
CA PRO B 214 11.25 17.01 -24.35
C PRO B 214 12.66 17.58 -24.20
N ASN B 215 13.62 16.68 -23.97
CA ASN B 215 15.02 17.06 -23.78
C ASN B 215 15.90 16.06 -24.54
N GLU B 216 17.00 16.57 -25.11
CA GLU B 216 17.96 15.76 -25.87
C GLU B 216 18.82 14.88 -24.95
N THR B 217 19.10 15.39 -23.75
CA THR B 217 19.92 14.70 -22.75
C THR B 217 19.08 13.72 -21.90
N HIS B 218 17.77 13.80 -22.06
CA HIS B 218 16.83 12.94 -21.35
C HIS B 218 15.81 12.42 -22.38
N LEU B 219 16.33 11.67 -23.36
CA LEU B 219 15.55 11.08 -24.45
C LEU B 219 14.57 10.01 -23.98
N ASP B 220 14.92 9.32 -22.89
CA ASP B 220 14.08 8.26 -22.32
C ASP B 220 12.77 8.76 -21.69
N ASN B 221 12.69 10.07 -21.45
CA ASN B 221 11.50 10.70 -20.89
C ASN B 221 10.47 10.85 -22.01
N ALA B 222 10.98 11.14 -23.22
CA ALA B 222 10.17 11.30 -24.43
C ALA B 222 9.52 9.97 -24.82
N ILE B 223 10.23 8.86 -24.58
CA ILE B 223 9.76 7.50 -24.84
C ILE B 223 8.53 7.26 -23.96
N GLY B 224 8.62 7.69 -22.71
CA GLY B 224 7.53 7.55 -21.76
C GLY B 224 6.29 8.35 -22.12
N ILE B 225 6.49 9.58 -22.61
CA ILE B 225 5.39 10.46 -23.00
C ILE B 225 4.63 9.93 -24.24
N SER B 226 5.32 9.12 -25.05
CA SER B 226 4.71 8.54 -26.25
C SER B 226 3.89 7.28 -25.91
N LEU B 227 4.09 6.76 -24.70
CA LEU B 227 3.41 5.54 -24.24
C LEU B 227 2.23 5.69 -23.30
N PHE B 228 2.41 6.48 -22.24
CA PHE B 228 1.41 6.66 -21.19
C PHE B 228 0.12 7.40 -21.50
N GLY B 229 -1.01 6.75 -21.16
CA GLY B 229 -2.34 7.32 -21.35
C GLY B 229 -3.14 7.19 -20.08
N ASP B 230 -4.18 8.02 -19.94
CA ASP B 230 -5.03 7.98 -18.73
C ASP B 230 -6.09 6.91 -18.83
N GLY B 231 -6.49 6.37 -17.67
CA GLY B 231 -7.53 5.35 -17.65
C GLY B 231 -7.74 4.72 -16.29
N ALA B 232 -8.86 4.01 -16.18
CA ALA B 232 -9.23 3.32 -14.96
C ALA B 232 -9.90 1.99 -15.22
N ALA B 233 -9.62 1.03 -14.35
CA ALA B 233 -10.21 -0.31 -14.43
C ALA B 233 -10.61 -0.72 -13.02
N ALA B 234 -11.78 -1.34 -12.90
CA ALA B 234 -12.28 -1.80 -11.62
C ALA B 234 -12.82 -3.21 -11.71
N LEU B 235 -12.60 -3.97 -10.65
CA LEU B 235 -13.05 -5.36 -10.58
C LEU B 235 -13.70 -5.69 -9.25
N ILE B 236 -14.64 -6.64 -9.27
CA ILE B 236 -15.27 -7.13 -8.05
C ILE B 236 -14.70 -8.55 -7.93
N ILE B 237 -14.07 -8.83 -6.80
CA ILE B 237 -13.45 -10.13 -6.53
C ILE B 237 -13.98 -10.70 -5.21
N GLY B 238 -14.33 -11.98 -5.24
CA GLY B 238 -14.81 -12.63 -4.04
C GLY B 238 -14.77 -14.13 -4.14
N SER B 239 -14.71 -14.78 -2.98
CA SER B 239 -14.70 -16.25 -2.91
C SER B 239 -16.14 -16.68 -2.70
N ASP B 240 -16.41 -17.95 -2.99
CA ASP B 240 -17.73 -18.58 -2.84
C ASP B 240 -18.84 -17.81 -3.58
N PRO B 241 -18.80 -17.80 -4.93
CA PRO B 241 -19.80 -17.08 -5.74
C PRO B 241 -21.22 -17.58 -5.47
N ILE B 242 -22.15 -16.65 -5.37
CA ILE B 242 -23.56 -16.98 -5.11
C ILE B 242 -24.19 -17.41 -6.44
N ILE B 243 -24.61 -18.68 -6.48
CA ILE B 243 -25.23 -19.28 -7.66
C ILE B 243 -26.55 -18.60 -8.06
N GLY B 244 -26.63 -18.21 -9.33
CA GLY B 244 -27.80 -17.55 -9.87
C GLY B 244 -27.84 -16.04 -9.68
N VAL B 245 -26.90 -15.51 -8.89
CA VAL B 245 -26.82 -14.07 -8.61
C VAL B 245 -25.53 -13.50 -9.21
N GLU B 246 -24.40 -14.11 -8.86
CA GLU B 246 -23.09 -13.66 -9.35
C GLU B 246 -22.64 -14.42 -10.58
N LYS B 247 -21.72 -13.81 -11.34
CA LYS B 247 -21.19 -14.34 -12.59
C LYS B 247 -19.68 -14.59 -12.44
N PRO B 248 -19.27 -15.77 -11.91
CA PRO B 248 -17.84 -16.09 -11.73
C PRO B 248 -17.11 -16.30 -13.05
N MET B 249 -15.97 -15.61 -13.21
CA MET B 249 -15.22 -15.68 -14.46
C MET B 249 -13.78 -16.23 -14.40
N PHE B 250 -12.95 -15.64 -13.53
CA PHE B 250 -11.55 -16.05 -13.40
C PHE B 250 -11.16 -16.30 -11.94
N GLU B 251 -10.63 -17.49 -11.67
CA GLU B 251 -10.20 -17.86 -10.32
C GLU B 251 -8.72 -17.55 -10.15
N ILE B 252 -8.40 -16.79 -9.10
CA ILE B 252 -7.02 -16.38 -8.80
C ILE B 252 -6.37 -17.45 -7.93
N VAL B 253 -5.75 -18.41 -8.60
CA VAL B 253 -5.12 -19.59 -7.96
C VAL B 253 -3.78 -19.37 -7.26
N CYS B 254 -2.88 -18.61 -7.89
CA CYS B 254 -1.56 -18.36 -7.31
C CYS B 254 -1.05 -16.99 -7.72
N THR B 255 -0.49 -16.25 -6.77
CA THR B 255 0.02 -14.90 -7.00
C THR B 255 1.40 -14.70 -6.41
N LYS B 256 2.39 -14.45 -7.27
CA LYS B 256 3.77 -14.26 -6.83
C LYS B 256 4.45 -13.02 -7.41
N GLN B 257 5.17 -12.31 -6.55
CA GLN B 257 5.93 -11.12 -6.93
C GLN B 257 7.41 -11.52 -6.98
N THR B 258 8.09 -11.11 -8.05
CA THR B 258 9.50 -11.44 -8.24
C THR B 258 10.32 -10.19 -8.57
N VAL B 259 11.49 -10.09 -7.95
CA VAL B 259 12.43 -9.00 -8.19
C VAL B 259 13.57 -9.63 -8.98
N ILE B 260 13.88 -9.04 -10.14
CA ILE B 260 14.99 -9.50 -10.98
C ILE B 260 16.21 -8.76 -10.42
N PRO B 261 17.22 -9.50 -9.92
CA PRO B 261 18.43 -8.88 -9.36
C PRO B 261 19.28 -8.04 -10.31
N ASN B 262 19.98 -7.06 -9.72
CA ASN B 262 20.88 -6.12 -10.41
C ASN B 262 20.27 -5.32 -11.57
N THR B 263 18.98 -5.01 -11.46
CA THR B 263 18.27 -4.27 -12.51
C THR B 263 17.48 -3.04 -12.00
N GLU B 264 17.95 -2.44 -10.90
CA GLU B 264 17.28 -1.27 -10.30
C GLU B 264 17.31 -0.02 -11.19
N ASP B 265 18.38 0.12 -11.97
CA ASP B 265 18.56 1.26 -12.87
C ASP B 265 17.85 1.17 -14.23
N VAL B 266 17.13 0.06 -14.45
CA VAL B 266 16.41 -0.16 -15.70
C VAL B 266 15.14 0.70 -15.82
N ILE B 267 14.25 0.62 -14.83
CA ILE B 267 13.04 1.46 -14.80
C ILE B 267 12.94 2.04 -13.40
N HIS B 268 13.04 3.37 -13.32
CA HIS B 268 12.93 4.06 -12.04
C HIS B 268 12.32 5.45 -12.18
N LEU B 269 11.43 5.78 -11.24
CA LEU B 269 10.73 7.06 -11.23
C LEU B 269 10.88 7.74 -9.86
N HIS B 270 11.08 9.05 -9.88
CA HIS B 270 11.26 9.82 -8.64
C HIS B 270 10.24 10.96 -8.58
N LEU B 271 9.62 11.15 -7.40
CA LEU B 271 8.65 12.24 -7.22
C LEU B 271 9.41 13.42 -6.64
N ARG B 272 9.56 14.44 -7.47
CA ARG B 272 10.31 15.67 -7.12
C ARG B 272 9.43 16.92 -7.16
N GLU B 273 10.07 18.08 -6.98
CA GLU B 273 9.39 19.39 -7.00
C GLU B 273 8.87 19.72 -8.41
N THR B 274 9.37 18.96 -9.38
CA THR B 274 9.01 19.08 -10.79
C THR B 274 8.05 17.96 -11.22
N GLY B 275 7.52 17.24 -10.22
CA GLY B 275 6.60 16.13 -10.49
C GLY B 275 7.32 14.81 -10.63
N MET B 276 6.70 13.86 -11.34
CA MET B 276 7.29 12.55 -11.52
C MET B 276 8.30 12.52 -12.66
N MET B 277 9.55 12.23 -12.31
CA MET B 277 10.65 12.14 -13.26
C MET B 277 10.82 10.68 -13.65
N PHE B 278 10.65 10.40 -14.95
CA PHE B 278 10.72 9.06 -15.52
C PHE B 278 12.08 8.73 -16.15
N TYR B 279 12.62 7.56 -15.80
CA TYR B 279 13.90 7.09 -16.34
C TYR B 279 13.76 5.66 -16.86
N LEU B 280 14.24 5.43 -18.08
CA LEU B 280 14.15 4.12 -18.72
C LEU B 280 15.38 3.73 -19.54
N SER B 281 15.88 2.52 -19.27
CA SER B 281 17.02 1.97 -20.00
C SER B 281 16.46 1.31 -21.27
N LYS B 282 17.24 1.35 -22.34
CA LYS B 282 16.85 0.76 -23.64
C LYS B 282 16.80 -0.77 -23.64
N GLY B 283 17.27 -1.36 -22.55
CA GLY B 283 17.28 -2.79 -22.40
C GLY B 283 16.15 -3.40 -21.60
N SER B 284 15.10 -2.62 -21.35
CA SER B 284 13.93 -3.10 -20.58
C SER B 284 13.17 -4.28 -21.20
N PRO B 285 13.01 -4.34 -22.56
CA PRO B 285 12.28 -5.49 -23.12
C PRO B 285 13.05 -6.80 -22.96
N MET B 286 14.39 -6.69 -22.95
CA MET B 286 15.29 -7.84 -22.80
C MET B 286 15.29 -8.42 -21.39
N THR B 287 15.31 -7.54 -20.38
CA THR B 287 15.30 -7.95 -18.96
C THR B 287 13.99 -8.66 -18.63
N ILE B 288 12.89 -8.11 -19.13
CA ILE B 288 11.56 -8.68 -18.90
C ILE B 288 11.39 -10.03 -19.61
N SER B 289 11.71 -10.09 -20.90
CA SER B 289 11.57 -11.31 -21.69
C SER B 289 12.46 -12.49 -21.30
N ASN B 290 13.69 -12.18 -20.87
CA ASN B 290 14.65 -13.23 -20.47
C ASN B 290 14.37 -13.83 -19.10
N ASN B 291 13.55 -13.15 -18.31
CA ASN B 291 13.23 -13.61 -16.96
C ASN B 291 11.78 -14.02 -16.75
N VAL B 292 10.92 -13.77 -17.74
CA VAL B 292 9.48 -14.08 -17.63
C VAL B 292 9.16 -15.58 -17.54
N GLU B 293 9.89 -16.42 -18.28
CA GLU B 293 9.65 -17.86 -18.28
C GLU B 293 9.93 -18.49 -16.91
N ALA B 294 10.94 -17.97 -16.21
CA ALA B 294 11.31 -18.45 -14.87
C ALA B 294 10.21 -18.11 -13.85
N CYS B 295 9.54 -16.96 -14.06
CA CYS B 295 8.44 -16.52 -13.20
C CYS B 295 7.22 -17.40 -13.41
N LEU B 296 7.02 -17.83 -14.65
CA LEU B 296 5.90 -18.70 -15.04
C LEU B 296 6.07 -20.12 -14.50
N ILE B 297 7.29 -20.66 -14.58
CA ILE B 297 7.61 -22.00 -14.07
C ILE B 297 7.43 -22.01 -12.54
N ASP B 298 7.79 -20.90 -11.90
CA ASP B 298 7.67 -20.71 -10.45
C ASP B 298 6.22 -20.68 -9.95
N VAL B 299 5.33 -19.99 -10.69
CA VAL B 299 3.93 -19.88 -10.29
C VAL B 299 3.17 -21.21 -10.44
N PHE B 300 3.61 -22.02 -11.41
CA PHE B 300 3.02 -23.34 -11.67
C PHE B 300 3.52 -24.35 -10.64
N LYS B 301 4.82 -24.28 -10.33
CA LYS B 301 5.47 -25.18 -9.35
C LYS B 301 4.93 -24.95 -7.94
N SER B 302 4.59 -23.69 -7.63
CA SER B 302 4.06 -23.29 -6.33
C SER B 302 2.72 -23.95 -5.99
N VAL B 303 1.97 -24.33 -7.02
CA VAL B 303 0.69 -24.99 -6.86
C VAL B 303 0.70 -26.45 -7.34
N GLY B 304 1.91 -26.96 -7.62
CA GLY B 304 2.10 -28.34 -8.04
C GLY B 304 1.65 -28.76 -9.43
N ILE B 305 1.36 -27.77 -10.28
CA ILE B 305 0.93 -28.05 -11.65
C ILE B 305 2.14 -28.05 -12.57
N THR B 306 2.23 -29.09 -13.41
CA THR B 306 3.31 -29.25 -14.36
C THR B 306 3.11 -28.17 -15.45
N PRO B 307 4.14 -27.31 -15.69
CA PRO B 307 4.03 -26.26 -16.72
C PRO B 307 3.78 -26.88 -18.09
N PRO B 308 2.91 -26.27 -18.92
CA PRO B 308 2.67 -26.86 -20.24
C PRO B 308 3.91 -26.80 -21.12
N GLU B 309 4.08 -27.80 -21.98
CA GLU B 309 5.22 -27.89 -22.89
C GLU B 309 5.11 -26.81 -23.98
N ASP B 310 3.88 -26.40 -24.25
CA ASP B 310 3.58 -25.36 -25.24
C ASP B 310 2.83 -24.25 -24.51
N TRP B 311 3.41 -23.05 -24.50
CA TRP B 311 2.80 -21.89 -23.83
C TRP B 311 1.54 -21.39 -24.53
N ASN B 312 1.28 -21.89 -25.74
CA ASN B 312 0.08 -21.55 -26.51
C ASN B 312 -1.20 -22.18 -25.95
N SER B 313 -1.02 -23.10 -24.99
N SER B 313 -1.05 -23.12 -25.00
CA SER B 313 -2.11 -23.82 -24.34
CA SER B 313 -2.19 -23.79 -24.38
C SER B 313 -2.80 -22.98 -23.25
C SER B 313 -2.86 -22.93 -23.31
N LEU B 314 -2.21 -21.83 -22.93
CA LEU B 314 -2.72 -20.90 -21.92
C LEU B 314 -3.24 -19.60 -22.53
N PHE B 315 -4.10 -18.89 -21.81
CA PHE B 315 -4.58 -17.58 -22.26
C PHE B 315 -3.66 -16.55 -21.58
N TRP B 316 -3.53 -15.39 -22.20
CA TRP B 316 -2.58 -14.38 -21.70
C TRP B 316 -3.07 -12.96 -21.52
N ILE B 317 -2.69 -12.37 -20.39
CA ILE B 317 -3.01 -10.97 -20.08
C ILE B 317 -1.68 -10.28 -19.70
N PRO B 318 -0.80 -10.01 -20.70
CA PRO B 318 0.47 -9.35 -20.37
C PRO B 318 0.33 -7.84 -20.34
N HIS B 319 1.02 -7.19 -19.39
CA HIS B 319 0.97 -5.73 -19.32
C HIS B 319 1.66 -5.16 -20.57
N PRO B 320 0.94 -4.32 -21.35
CA PRO B 320 1.50 -3.73 -22.56
C PRO B 320 2.38 -2.50 -22.26
N GLY B 321 3.52 -2.76 -21.62
CA GLY B 321 4.46 -1.71 -21.24
C GLY B 321 5.01 -0.97 -22.45
N GLY B 322 5.12 -1.72 -23.54
CA GLY B 322 5.59 -1.19 -24.81
C GLY B 322 5.45 -2.30 -25.83
N ARG B 323 5.44 -1.94 -27.11
CA ARG B 323 5.32 -2.91 -28.20
C ARG B 323 6.47 -3.93 -28.19
N ALA B 324 7.69 -3.46 -27.88
CA ALA B 324 8.86 -4.34 -27.83
C ALA B 324 8.83 -5.33 -26.67
N ILE B 325 8.15 -4.95 -25.57
CA ILE B 325 8.01 -5.85 -24.41
C ILE B 325 7.10 -7.01 -24.83
N LEU B 326 5.98 -6.67 -25.51
CA LEU B 326 5.04 -7.69 -25.99
C LEU B 326 5.67 -8.59 -27.04
N ASP B 327 6.43 -8.00 -27.96
CA ASP B 327 7.12 -8.72 -29.05
C ASP B 327 8.12 -9.73 -28.51
N GLN B 328 8.96 -9.28 -27.59
CA GLN B 328 10.00 -10.13 -27.01
C GLN B 328 9.51 -11.21 -26.06
N VAL B 329 8.40 -10.95 -25.36
CA VAL B 329 7.81 -11.95 -24.44
C VAL B 329 7.15 -13.03 -25.33
N GLU B 330 6.50 -12.58 -26.41
CA GLU B 330 5.83 -13.47 -27.39
C GLU B 330 6.85 -14.41 -28.03
N ALA B 331 8.00 -13.85 -28.43
CA ALA B 331 9.08 -14.60 -29.07
C ALA B 331 9.73 -15.62 -28.15
N LYS B 332 9.98 -15.23 -26.90
CA LYS B 332 10.60 -16.11 -25.90
C LYS B 332 9.72 -17.31 -25.52
N LEU B 333 8.42 -17.05 -25.42
CA LEU B 333 7.46 -18.09 -25.07
C LEU B 333 6.94 -18.86 -26.28
N LYS B 334 7.49 -18.53 -27.45
CA LYS B 334 7.16 -19.13 -28.76
C LYS B 334 5.66 -19.12 -29.08
N LEU B 335 5.03 -17.99 -28.75
CA LEU B 335 3.60 -17.80 -28.96
C LEU B 335 3.24 -17.34 -30.36
N ARG B 336 2.07 -17.80 -30.82
CA ARG B 336 1.53 -17.44 -32.12
C ARG B 336 0.98 -16.02 -32.00
N PRO B 337 0.97 -15.22 -33.10
CA PRO B 337 0.47 -13.83 -33.04
C PRO B 337 -0.90 -13.53 -32.43
N GLU B 338 -1.84 -14.48 -32.54
CA GLU B 338 -3.19 -14.29 -31.99
C GLU B 338 -3.29 -14.38 -30.47
N LYS B 339 -2.24 -14.92 -29.83
CA LYS B 339 -2.23 -15.09 -28.37
C LYS B 339 -2.27 -13.80 -27.57
N PHE B 340 -1.62 -12.76 -28.09
CA PHE B 340 -1.58 -11.46 -27.45
C PHE B 340 -2.56 -10.48 -28.11
N ARG B 341 -3.56 -11.01 -28.83
CA ARG B 341 -4.57 -10.18 -29.53
C ARG B 341 -5.25 -9.16 -28.61
N ALA B 342 -5.73 -9.62 -27.46
CA ALA B 342 -6.42 -8.76 -26.49
C ALA B 342 -5.51 -7.65 -25.98
N ALA B 343 -4.24 -7.98 -25.71
CA ALA B 343 -3.26 -7.01 -25.24
C ALA B 343 -2.88 -5.98 -26.30
N ARG B 344 -2.77 -6.44 -27.55
CA ARG B 344 -2.41 -5.56 -28.64
C ARG B 344 -3.53 -4.62 -29.06
N THR B 345 -4.78 -5.07 -28.89
CA THR B 345 -5.93 -4.23 -29.21
C THR B 345 -6.06 -3.13 -28.16
N VAL B 346 -5.76 -3.47 -26.91
CA VAL B 346 -5.81 -2.49 -25.81
C VAL B 346 -4.66 -1.48 -25.94
N LEU B 347 -3.47 -1.94 -26.33
CA LEU B 347 -2.32 -1.04 -26.51
C LEU B 347 -2.64 -0.06 -27.65
N TRP B 348 -3.29 -0.55 -28.70
CA TRP B 348 -3.67 0.29 -29.84
C TRP B 348 -4.77 1.29 -29.50
N ASP B 349 -5.85 0.81 -28.91
CA ASP B 349 -7.00 1.64 -28.59
C ASP B 349 -6.84 2.59 -27.41
N TYR B 350 -6.00 2.20 -26.44
CA TYR B 350 -5.85 2.97 -25.20
C TYR B 350 -4.45 3.36 -24.73
N GLY B 351 -3.43 2.74 -25.31
CA GLY B 351 -2.05 3.01 -24.90
C GLY B 351 -1.71 2.28 -23.62
N ASN B 352 -0.65 2.74 -22.96
CA ASN B 352 -0.21 2.16 -21.69
C ASN B 352 -0.85 2.98 -20.57
N MET B 353 -1.90 2.42 -19.97
CA MET B 353 -2.65 3.08 -18.88
C MET B 353 -2.18 2.69 -17.49
N VAL B 354 -0.90 2.32 -17.42
CA VAL B 354 -0.24 1.91 -16.19
C VAL B 354 -0.98 0.74 -15.51
N SER B 355 -1.36 0.87 -14.25
CA SER B 355 -2.05 -0.22 -13.54
C SER B 355 -3.39 -0.67 -14.13
N ALA B 356 -4.02 0.22 -14.90
CA ALA B 356 -5.32 -0.04 -15.50
C ALA B 356 -5.35 -0.90 -16.76
N SER B 357 -4.22 -1.03 -17.43
CA SER B 357 -4.13 -1.80 -18.67
C SER B 357 -4.50 -3.27 -18.62
N VAL B 358 -4.01 -4.00 -17.61
CA VAL B 358 -4.37 -5.43 -17.51
C VAL B 358 -5.86 -5.67 -17.25
N GLY B 359 -6.50 -4.74 -16.55
CA GLY B 359 -7.93 -4.81 -16.29
C GLY B 359 -8.71 -4.65 -17.59
N TYR B 360 -8.23 -3.74 -18.44
CA TYR B 360 -8.82 -3.50 -19.76
C TYR B 360 -8.68 -4.72 -20.66
N ILE B 361 -7.52 -5.39 -20.58
CA ILE B 361 -7.24 -6.59 -21.38
C ILE B 361 -8.11 -7.77 -20.92
N LEU B 362 -8.26 -7.92 -19.61
CA LEU B 362 -9.08 -8.99 -19.03
C LEU B 362 -10.55 -8.79 -19.44
N ASP B 363 -10.97 -7.52 -19.51
CA ASP B 363 -12.33 -7.15 -19.90
C ASP B 363 -12.54 -7.48 -21.38
N GLU B 364 -11.58 -7.10 -22.22
CA GLU B 364 -11.61 -7.36 -23.66
C GLU B 364 -11.63 -8.85 -23.96
N MET B 365 -10.87 -9.63 -23.18
CA MET B 365 -10.78 -11.08 -23.34
C MET B 365 -12.11 -11.78 -23.07
N ARG B 366 -12.72 -11.47 -21.93
CA ARG B 366 -13.98 -12.10 -21.55
C ARG B 366 -15.16 -11.67 -22.44
N ARG B 367 -15.11 -10.42 -22.94
CA ARG B 367 -16.15 -9.89 -23.82
C ARG B 367 -16.11 -10.54 -25.18
N LYS B 368 -14.90 -10.71 -25.72
CA LYS B 368 -14.71 -11.36 -27.02
C LYS B 368 -14.99 -12.85 -26.95
N SER B 369 -14.68 -13.47 -25.80
CA SER B 369 -14.93 -14.89 -25.60
C SER B 369 -16.42 -15.19 -25.54
N ALA B 370 -17.17 -14.27 -24.91
CA ALA B 370 -18.62 -14.38 -24.78
C ALA B 370 -19.31 -14.13 -26.13
N ALA B 371 -18.75 -13.19 -26.90
CA ALA B 371 -19.27 -12.82 -28.23
C ALA B 371 -19.04 -13.90 -29.29
N LYS B 372 -17.93 -14.63 -29.16
CA LYS B 372 -17.58 -15.70 -30.09
C LYS B 372 -18.21 -17.04 -29.65
N GLY B 373 -18.79 -17.05 -28.45
CA GLY B 373 -19.42 -18.24 -27.91
C GLY B 373 -18.45 -19.34 -27.54
N LEU B 374 -17.28 -18.94 -27.04
CA LEU B 374 -16.23 -19.89 -26.65
C LEU B 374 -16.57 -20.63 -25.35
N GLU B 375 -15.83 -21.69 -25.08
CA GLU B 375 -16.06 -22.55 -23.92
C GLU B 375 -15.81 -21.95 -22.54
N THR B 376 -14.88 -21.00 -22.44
CA THR B 376 -14.57 -20.34 -21.18
C THR B 376 -14.36 -18.84 -21.42
N TYR B 377 -14.25 -18.08 -20.33
CA TYR B 377 -14.01 -16.64 -20.42
C TYR B 377 -12.58 -16.34 -20.83
N GLY B 378 -11.70 -17.32 -20.64
CA GLY B 378 -10.31 -17.17 -21.01
C GLY B 378 -10.00 -17.75 -22.38
N GLU B 379 -10.68 -17.23 -23.40
CA GLU B 379 -10.52 -17.65 -24.80
C GLU B 379 -10.75 -19.14 -25.09
N GLY B 380 -11.61 -19.75 -24.28
CA GLY B 380 -11.93 -21.16 -24.44
C GLY B 380 -10.94 -22.10 -23.77
N LEU B 381 -9.90 -21.51 -23.17
CA LEU B 381 -8.85 -22.28 -22.49
C LEU B 381 -9.03 -22.26 -20.98
N GLU B 382 -8.53 -23.30 -20.33
CA GLU B 382 -8.64 -23.48 -18.89
C GLU B 382 -7.76 -22.61 -18.00
N TRP B 383 -6.45 -22.60 -18.28
CA TRP B 383 -5.47 -21.86 -17.48
C TRP B 383 -4.81 -20.70 -18.20
N GLY B 384 -4.46 -19.67 -17.45
CA GLY B 384 -3.82 -18.51 -18.03
C GLY B 384 -3.08 -17.67 -17.02
N VAL B 385 -2.34 -16.68 -17.52
CA VAL B 385 -1.53 -15.83 -16.66
C VAL B 385 -1.67 -14.33 -16.95
N LEU B 386 -1.81 -13.55 -15.87
CA LEU B 386 -1.88 -12.10 -15.93
C LEU B 386 -0.49 -11.68 -15.44
N LEU B 387 0.17 -10.84 -16.22
CA LEU B 387 1.52 -10.40 -15.91
C LEU B 387 1.68 -8.89 -15.78
N GLY B 388 2.29 -8.48 -14.68
CA GLY B 388 2.57 -7.07 -14.44
C GLY B 388 4.08 -6.91 -14.50
N PHE B 389 4.57 -5.85 -15.18
CA PHE B 389 6.00 -5.59 -15.30
C PHE B 389 6.27 -4.13 -14.95
N GLY B 390 7.26 -3.86 -14.09
CA GLY B 390 7.55 -2.49 -13.73
C GLY B 390 8.86 -2.25 -12.98
N PRO B 391 9.01 -1.10 -12.28
CA PRO B 391 10.20 -0.73 -11.50
C PRO B 391 10.75 -1.79 -10.56
N GLY B 392 12.05 -2.07 -10.68
CA GLY B 392 12.68 -3.06 -9.83
C GLY B 392 13.92 -3.74 -10.41
N ILE B 393 13.83 -4.55 -11.49
CA ILE B 393 12.59 -4.88 -12.22
C ILE B 393 11.76 -5.89 -11.45
N THR B 394 10.48 -5.56 -11.33
CA THR B 394 9.52 -6.37 -10.62
C THR B 394 8.50 -6.97 -11.58
N VAL B 395 8.23 -8.26 -11.40
CA VAL B 395 7.27 -9.00 -12.18
C VAL B 395 6.21 -9.55 -11.23
N GLU B 396 4.93 -9.30 -11.55
CA GLU B 396 3.81 -9.83 -10.79
C GLU B 396 3.21 -10.91 -11.66
N THR B 397 3.24 -12.15 -11.19
CA THR B 397 2.74 -13.29 -11.93
C THR B 397 1.47 -13.82 -11.25
N ILE B 398 0.36 -13.68 -11.94
CA ILE B 398 -0.96 -14.08 -11.44
C ILE B 398 -1.51 -15.25 -12.26
N LEU B 399 -1.59 -16.42 -11.63
CA LEU B 399 -2.12 -17.63 -12.28
C LEU B 399 -3.63 -17.69 -12.14
N LEU B 400 -4.30 -17.73 -13.29
CA LEU B 400 -5.75 -17.74 -13.37
C LEU B 400 -6.32 -18.99 -13.99
N HIS B 401 -7.47 -19.44 -13.45
CA HIS B 401 -8.20 -20.57 -13.99
C HIS B 401 -9.54 -19.99 -14.42
N SER B 402 -9.86 -20.04 -15.71
CA SER B 402 -11.14 -19.51 -16.18
C SER B 402 -12.26 -20.53 -16.07
N LEU B 403 -13.46 -20.00 -15.93
CA LEU B 403 -14.68 -20.78 -15.77
C LEU B 403 -15.56 -20.80 -17.02
N PRO B 404 -16.48 -21.78 -17.15
CA PRO B 404 -17.35 -21.80 -18.35
C PRO B 404 -18.36 -20.65 -18.39
N LEU B 405 -18.91 -20.35 -19.57
CA LEU B 405 -19.90 -19.28 -19.75
C LEU B 405 -21.22 -19.46 -19.01
#